data_5MQ4
#
_entry.id   5MQ4
#
_cell.length_a   66.638
_cell.length_b   237.049
_cell.length_c   210.144
_cell.angle_alpha   90.00
_cell.angle_beta   90.00
_cell.angle_gamma   90.00
#
_symmetry.space_group_name_H-M   'C 2 2 21'
#
loop_
_entity.id
_entity.type
_entity.pdbx_description
1 polymer 'Protein kinase C-binding protein 1'
2 non-polymer 'SULFATE ION'
3 non-polymer 'ZINC ION'
4 water water
#
_entity_poly.entity_id   1
_entity_poly.type   'polypeptide(L)'
_entity_poly.pdbx_seq_one_letter_code
;SMSKNTTGSTIAEIRRLRIEIEKLQWLHQQELSEMKHNLELTMAEMRQSLEQERDRLIAEVKKQLELEKQQAVDETKKKQ
WCANCKKEAIFYCCWNTSYCDYPCQQAHWPEHMKSCTQSATAPQQEA
;
_entity_poly.pdbx_strand_id   A,B,C,D,E,F
#
# COMPACT_ATOMS: atom_id res chain seq x y z
N THR A 6 26.74 63.25 12.61
CA THR A 6 27.52 62.98 13.82
C THR A 6 27.77 61.47 13.99
N THR A 7 28.99 61.10 14.39
CA THR A 7 29.39 59.69 14.42
C THR A 7 28.65 58.92 15.50
N GLY A 8 28.57 59.46 16.72
CA GLY A 8 27.89 58.77 17.80
C GLY A 8 26.40 58.56 17.56
N SER A 9 25.76 59.51 16.88
CA SER A 9 24.32 59.41 16.64
C SER A 9 24.03 58.37 15.56
N THR A 10 24.90 58.29 14.54
CA THR A 10 24.73 57.23 13.55
C THR A 10 25.01 55.87 14.16
N ILE A 11 26.02 55.78 15.03
CA ILE A 11 26.31 54.49 15.64
C ILE A 11 25.15 54.05 16.52
N ALA A 12 24.55 54.99 17.26
CA ALA A 12 23.40 54.63 18.09
C ALA A 12 22.20 54.18 17.25
N GLU A 13 21.96 54.84 16.10
CA GLU A 13 20.85 54.42 15.25
C GLU A 13 21.08 53.02 14.67
N ILE A 14 22.32 52.74 14.25
CA ILE A 14 22.63 51.42 13.74
C ILE A 14 22.47 50.38 14.82
N ARG A 15 23.00 50.68 16.01
CA ARG A 15 22.92 49.74 17.11
C ARG A 15 21.46 49.42 17.43
N ARG A 16 20.60 50.45 17.45
CA ARG A 16 19.19 50.26 17.70
C ARG A 16 18.54 49.32 16.69
N LEU A 17 18.82 49.54 15.40
CA LEU A 17 18.28 48.64 14.39
C LEU A 17 18.77 47.20 14.58
N ARG A 18 20.07 47.03 14.85
CA ARG A 18 20.61 45.70 15.05
C ARG A 18 19.90 44.99 16.18
N ILE A 19 19.65 45.68 17.29
CA ILE A 19 18.94 45.08 18.41
C ILE A 19 17.54 44.66 17.99
N GLU A 20 16.85 45.48 17.17
CA GLU A 20 15.51 45.09 16.71
C GLU A 20 15.55 43.79 15.92
N ILE A 21 16.53 43.65 15.03
CA ILE A 21 16.72 42.40 14.29
C ILE A 21 17.00 41.23 15.23
N GLU A 22 17.84 41.46 16.26
CA GLU A 22 18.08 40.39 17.22
C GLU A 22 16.77 39.92 17.86
N LYS A 23 15.89 40.86 18.23
CA LYS A 23 14.61 40.46 18.80
C LYS A 23 13.76 39.70 17.78
N LEU A 24 13.86 40.07 16.51
CA LEU A 24 13.13 39.34 15.48
C LEU A 24 13.54 37.88 15.42
N GLN A 25 14.83 37.57 15.66
CA GLN A 25 15.27 36.18 15.57
C GLN A 25 14.50 35.26 16.53
N TRP A 26 14.34 35.70 17.78
CA TRP A 26 13.73 34.90 18.85
C TRP A 26 12.25 34.60 18.61
N LEU A 27 11.60 35.39 17.76
CA LEU A 27 10.18 35.27 17.49
C LEU A 27 9.79 33.95 16.83
N HIS A 28 8.57 33.49 17.15
CA HIS A 28 7.82 32.42 16.50
C HIS A 28 8.36 31.00 16.69
N GLN A 29 9.34 30.77 17.55
CA GLN A 29 9.83 29.39 17.73
C GLN A 29 8.77 28.51 18.38
N GLN A 30 8.11 29.03 19.42
CA GLN A 30 7.07 28.28 20.10
C GLN A 30 5.91 27.93 19.16
N GLU A 31 5.54 28.86 18.27
CA GLU A 31 4.41 28.62 17.37
C GLU A 31 4.67 27.45 16.41
N LEU A 32 5.83 27.42 15.76
CA LEU A 32 6.12 26.33 14.83
C LEU A 32 6.28 25.00 15.56
N SER A 33 6.87 25.05 16.77
CA SER A 33 7.13 23.79 17.46
C SER A 33 5.86 23.21 18.08
N GLU A 34 4.87 24.03 18.40
CA GLU A 34 3.58 23.49 18.79
C GLU A 34 2.73 23.14 17.57
N MET A 35 3.03 23.75 16.42
CA MET A 35 2.26 23.48 15.21
C MET A 35 2.46 22.04 14.73
N LYS A 36 3.70 21.52 14.79
CA LYS A 36 3.87 20.14 14.36
C LYS A 36 3.09 19.16 15.25
N HIS A 37 3.13 19.37 16.57
CA HIS A 37 2.41 18.47 17.48
C HIS A 37 0.90 18.53 17.24
N ASN A 38 0.35 19.74 17.03
CA ASN A 38 -1.08 19.82 16.75
C ASN A 38 -1.41 19.12 15.44
N LEU A 39 -0.49 19.18 14.47
CA LEU A 39 -0.70 18.46 13.22
C LEU A 39 -0.83 16.97 13.44
N GLU A 40 0.01 16.41 14.31
CA GLU A 40 -0.09 14.98 14.58
C GLU A 40 -1.46 14.62 15.16
N LEU A 41 -1.97 15.43 16.09
CA LEU A 41 -3.24 15.11 16.75
C LEU A 41 -4.43 15.26 15.82
N THR A 42 -4.48 16.33 15.02
CA THR A 42 -5.61 16.47 14.10
C THR A 42 -5.58 15.38 13.02
N MET A 43 -4.38 14.99 12.58
CA MET A 43 -4.26 13.90 11.61
C MET A 43 -4.79 12.59 12.19
N ALA A 44 -4.41 12.27 13.44
CA ALA A 44 -4.90 11.04 14.06
C ALA A 44 -6.41 11.09 14.27
N GLU A 45 -6.94 12.25 14.69
CA GLU A 45 -8.39 12.36 14.91
C GLU A 45 -9.15 12.16 13.61
N MET A 46 -8.63 12.69 12.50
CA MET A 46 -9.26 12.50 11.20
C MET A 46 -9.24 11.05 10.74
N ARG A 47 -8.10 10.35 10.94
CA ARG A 47 -8.05 8.94 10.57
C ARG A 47 -9.05 8.12 11.38
N GLN A 48 -9.13 8.35 12.69
CA GLN A 48 -10.08 7.59 13.50
C GLN A 48 -11.52 7.90 13.10
N SER A 49 -11.85 9.17 12.86
CA SER A 49 -13.24 9.48 12.52
C SER A 49 -13.61 8.89 11.15
N LEU A 50 -12.68 8.93 10.19
CA LEU A 50 -12.98 8.34 8.89
C LEU A 50 -13.15 6.83 9.00
N GLU A 51 -12.36 6.17 9.85
CA GLU A 51 -12.54 4.72 10.03
C GLU A 51 -13.90 4.42 10.65
N GLN A 52 -14.32 5.18 11.67
CA GLN A 52 -15.63 4.94 12.27
C GLN A 52 -16.76 5.18 11.26
N GLU A 53 -16.63 6.24 10.44
CA GLU A 53 -17.66 6.49 9.43
C GLU A 53 -17.72 5.38 8.39
N ARG A 54 -16.57 4.84 8.01
CA ARG A 54 -16.59 3.72 7.08
C ARG A 54 -17.34 2.53 7.67
N ASP A 55 -17.01 2.18 8.92
CA ASP A 55 -17.66 1.04 9.56
C ASP A 55 -19.16 1.27 9.69
N ARG A 56 -19.57 2.49 10.03
CA ARG A 56 -21.00 2.78 10.15
C ARG A 56 -21.71 2.64 8.81
N LEU A 57 -21.11 3.17 7.74
CA LEU A 57 -21.75 3.08 6.41
C LEU A 57 -21.86 1.63 5.94
N ILE A 58 -20.79 0.83 6.11
CA ILE A 58 -20.88 -0.56 5.70
C ILE A 58 -21.94 -1.30 6.50
N ALA A 59 -21.96 -1.11 7.83
CA ALA A 59 -22.98 -1.79 8.64
C ALA A 59 -24.39 -1.40 8.20
N GLU A 60 -24.61 -0.12 7.89
CA GLU A 60 -25.92 0.32 7.45
C GLU A 60 -26.31 -0.27 6.09
N VAL A 61 -25.37 -0.29 5.14
CA VAL A 61 -25.66 -0.87 3.83
C VAL A 61 -25.95 -2.35 3.94
N LYS A 62 -25.20 -3.06 4.79
CA LYS A 62 -25.47 -4.48 4.98
C LYS A 62 -26.84 -4.70 5.61
N LYS A 63 -27.22 -3.89 6.61
CA LYS A 63 -28.53 -4.04 7.23
C LYS A 63 -29.65 -3.82 6.23
N GLN A 64 -29.50 -2.78 5.39
CA GLN A 64 -30.57 -2.46 4.45
C GLN A 64 -30.69 -3.50 3.35
N LEU A 65 -29.56 -3.98 2.82
CA LEU A 65 -29.65 -4.95 1.76
C LEU A 65 -30.07 -6.31 2.28
N GLU A 66 -29.76 -6.64 3.55
CA GLU A 66 -30.28 -7.88 4.11
C GLU A 66 -31.79 -7.82 4.23
N LEU A 67 -32.32 -6.66 4.60
CA LEU A 67 -33.77 -6.52 4.65
C LEU A 67 -34.38 -6.60 3.25
N GLU A 68 -33.75 -5.94 2.27
CA GLU A 68 -34.24 -6.01 0.90
C GLU A 68 -34.22 -7.44 0.37
N LYS A 69 -33.17 -8.21 0.73
CA LYS A 69 -33.11 -9.61 0.35
C LYS A 69 -34.26 -10.40 0.96
N GLN A 70 -34.53 -10.21 2.26
CA GLN A 70 -35.62 -10.97 2.86
C GLN A 70 -36.94 -10.62 2.19
N GLN A 71 -37.17 -9.34 1.87
CA GLN A 71 -38.38 -8.97 1.17
C GLN A 71 -38.47 -9.62 -0.21
N ALA A 72 -37.36 -9.65 -0.95
CA ALA A 72 -37.40 -10.26 -2.28
C ALA A 72 -37.70 -11.76 -2.20
N VAL A 73 -37.01 -12.46 -1.31
CA VAL A 73 -37.27 -13.90 -1.15
C VAL A 73 -38.74 -14.13 -0.80
N ASP A 74 -39.25 -13.38 0.19
CA ASP A 74 -40.64 -13.60 0.60
C ASP A 74 -41.62 -13.31 -0.53
N GLU A 75 -41.40 -12.23 -1.30
CA GLU A 75 -42.27 -11.99 -2.46
C GLU A 75 -42.19 -13.15 -3.44
N THR A 76 -40.99 -13.69 -3.64
CA THR A 76 -40.79 -14.79 -4.58
C THR A 76 -41.49 -16.07 -4.14
N LYS A 77 -41.58 -16.35 -2.84
CA LYS A 77 -42.22 -17.58 -2.36
C LYS A 77 -43.71 -17.60 -2.67
N LYS A 78 -44.33 -16.44 -2.83
CA LYS A 78 -45.77 -16.31 -3.04
C LYS A 78 -46.21 -16.64 -4.47
N LYS A 79 -45.28 -16.88 -5.39
CA LYS A 79 -45.60 -17.07 -6.79
C LYS A 79 -45.01 -18.38 -7.27
N GLN A 80 -45.48 -18.81 -8.45
CA GLN A 80 -44.98 -19.99 -9.15
C GLN A 80 -44.04 -19.57 -10.26
N TRP A 81 -43.01 -20.37 -10.52
CA TRP A 81 -42.02 -19.93 -11.50
C TRP A 81 -41.82 -20.96 -12.58
N CYS A 82 -41.64 -20.49 -13.80
CA CYS A 82 -41.45 -21.40 -14.92
C CYS A 82 -40.24 -22.28 -14.66
N ALA A 83 -40.43 -23.58 -14.78
CA ALA A 83 -39.32 -24.50 -14.58
C ALA A 83 -38.31 -24.45 -15.70
N ASN A 84 -38.64 -23.81 -16.82
CA ASN A 84 -37.73 -23.75 -17.95
C ASN A 84 -37.03 -22.41 -18.08
N CYS A 85 -37.70 -21.29 -17.81
CA CYS A 85 -37.09 -19.99 -18.00
C CYS A 85 -37.07 -19.10 -16.76
N LYS A 86 -37.71 -19.52 -15.66
CA LYS A 86 -37.72 -18.82 -14.37
C LYS A 86 -38.48 -17.50 -14.41
N LYS A 87 -39.23 -17.23 -15.46
CA LYS A 87 -40.24 -16.17 -15.40
C LYS A 87 -41.47 -16.70 -14.68
N GLU A 88 -42.35 -15.77 -14.29
CA GLU A 88 -43.54 -16.19 -13.57
C GLU A 88 -44.38 -17.08 -14.47
N ALA A 89 -44.85 -18.19 -13.89
CA ALA A 89 -45.59 -19.25 -14.57
C ALA A 89 -47.08 -19.05 -14.40
N ILE A 90 -47.85 -19.66 -15.31
CA ILE A 90 -49.30 -19.52 -15.31
C ILE A 90 -50.04 -20.85 -15.34
N PHE A 91 -49.35 -21.96 -15.59
CA PHE A 91 -50.04 -23.24 -15.43
C PHE A 91 -49.06 -24.30 -14.95
N TYR A 92 -49.58 -25.48 -14.61
CA TYR A 92 -48.67 -26.48 -14.08
C TYR A 92 -48.92 -27.85 -14.68
N CYS A 93 -47.86 -28.64 -14.71
CA CYS A 93 -47.87 -30.01 -15.20
C CYS A 93 -48.01 -31.01 -14.06
N CYS A 94 -47.22 -30.84 -13.02
CA CYS A 94 -47.27 -31.68 -11.84
C CYS A 94 -46.47 -30.96 -10.75
N TRP A 95 -46.31 -31.61 -9.60
CA TRP A 95 -45.73 -31.00 -8.42
C TRP A 95 -44.41 -30.32 -8.70
N ASN A 96 -44.37 -29.02 -8.38
CA ASN A 96 -43.17 -28.19 -8.49
C ASN A 96 -42.67 -28.14 -9.93
N THR A 97 -43.60 -28.20 -10.89
CA THR A 97 -43.26 -28.05 -12.30
C THR A 97 -44.33 -27.21 -12.98
N SER A 98 -44.09 -25.91 -13.11
CA SER A 98 -45.04 -25.02 -13.74
C SER A 98 -44.36 -24.31 -14.89
N TYR A 99 -45.16 -23.71 -15.76
CA TYR A 99 -44.64 -23.08 -16.96
C TYR A 99 -45.36 -21.76 -17.24
N CYS A 100 -44.63 -20.89 -17.95
CA CYS A 100 -45.13 -19.59 -18.39
C CYS A 100 -45.88 -19.63 -19.73
N ASP A 101 -45.66 -20.64 -20.55
N ASP A 101 -45.58 -20.58 -20.60
CA ASP A 101 -46.36 -20.81 -21.83
CA ASP A 101 -46.27 -20.78 -21.88
C ASP A 101 -45.98 -22.19 -22.36
C ASP A 101 -46.03 -22.23 -22.33
N TYR A 102 -46.64 -22.58 -23.45
CA TYR A 102 -46.48 -23.94 -23.98
C TYR A 102 -45.07 -24.18 -24.53
N PRO A 103 -44.42 -23.24 -25.21
CA PRO A 103 -43.03 -23.52 -25.65
C PRO A 103 -42.06 -23.85 -24.52
N CYS A 104 -42.16 -23.23 -23.35
CA CYS A 104 -41.28 -23.66 -22.26
C CYS A 104 -41.60 -25.09 -21.85
N GLN A 105 -42.88 -25.46 -21.79
CA GLN A 105 -43.22 -26.85 -21.49
C GLN A 105 -42.61 -27.81 -22.51
N GLN A 106 -42.78 -27.53 -23.80
CA GLN A 106 -42.19 -28.37 -24.84
C GLN A 106 -40.68 -28.46 -24.70
N ALA A 107 -40.02 -27.31 -24.51
CA ALA A 107 -38.56 -27.31 -24.41
C ALA A 107 -38.07 -28.15 -23.22
N HIS A 108 -38.79 -28.06 -22.11
CA HIS A 108 -38.36 -28.70 -20.87
C HIS A 108 -38.75 -30.16 -20.81
N TRP A 109 -39.66 -30.60 -21.66
CA TRP A 109 -40.15 -31.97 -21.56
C TRP A 109 -39.06 -33.03 -21.60
N PRO A 110 -38.04 -32.96 -22.47
CA PRO A 110 -37.03 -34.04 -22.43
C PRO A 110 -36.38 -34.21 -21.05
N GLU A 111 -36.16 -33.13 -20.30
CA GLU A 111 -35.61 -33.31 -18.95
C GLU A 111 -36.70 -33.67 -17.96
N HIS A 112 -37.90 -33.06 -18.08
CA HIS A 112 -38.94 -33.27 -17.07
C HIS A 112 -39.53 -34.68 -17.16
N MET A 113 -39.46 -35.26 -18.36
CA MET A 113 -40.02 -36.58 -18.61
C MET A 113 -39.52 -37.60 -17.61
N LYS A 114 -38.26 -37.46 -17.19
CA LYS A 114 -37.68 -38.44 -16.28
C LYS A 114 -38.42 -38.51 -14.96
N SER A 115 -39.05 -37.41 -14.53
CA SER A 115 -39.60 -37.34 -13.18
C SER A 115 -40.96 -36.65 -13.17
N CYS A 116 -41.88 -37.10 -13.99
CA CYS A 116 -43.16 -36.42 -14.12
C CYS A 116 -44.26 -37.25 -13.47
N THR A 117 -45.37 -36.59 -13.13
CA THR A 117 -46.50 -37.26 -12.49
C THR A 117 -47.81 -36.81 -13.16
N GLN A 118 -48.82 -37.66 -13.04
CA GLN A 118 -50.17 -37.40 -13.58
C GLN A 118 -50.20 -37.60 -15.09
N GLY B 8 29.25 59.42 4.24
CA GLY B 8 30.00 59.07 3.04
C GLY B 8 30.21 57.57 2.75
N SER B 9 31.17 56.95 3.43
CA SER B 9 31.40 55.53 3.21
C SER B 9 30.34 54.70 3.90
N THR B 10 29.88 55.16 5.06
CA THR B 10 28.83 54.43 5.77
C THR B 10 27.53 54.46 4.97
N ILE B 11 27.21 55.59 4.33
CA ILE B 11 25.97 55.66 3.58
C ILE B 11 25.98 54.71 2.39
N ALA B 12 27.13 54.59 1.70
CA ALA B 12 27.21 53.62 0.61
C ALA B 12 27.11 52.19 1.14
N GLU B 13 27.68 51.94 2.32
CA GLU B 13 27.63 50.59 2.87
C GLU B 13 26.18 50.19 3.23
N ILE B 14 25.45 51.13 3.84
CA ILE B 14 24.05 50.90 4.16
C ILE B 14 23.22 50.76 2.91
N ARG B 15 23.46 51.60 1.90
CA ARG B 15 22.74 51.46 0.64
C ARG B 15 22.96 50.06 0.04
N ARG B 16 24.20 49.57 0.08
CA ARG B 16 24.48 48.23 -0.43
C ARG B 16 23.62 47.20 0.29
N LEU B 17 23.66 47.23 1.62
CA LEU B 17 22.93 46.27 2.44
C LEU B 17 21.41 46.34 2.14
N ARG B 18 20.88 47.56 1.99
CA ARG B 18 19.47 47.73 1.63
C ARG B 18 19.17 47.06 0.30
N ILE B 19 20.04 47.27 -0.69
CA ILE B 19 19.81 46.65 -2.01
C ILE B 19 19.76 45.14 -1.89
N GLU B 20 20.66 44.54 -1.10
CA GLU B 20 20.61 43.10 -0.95
C GLU B 20 19.27 42.67 -0.36
N ILE B 21 18.80 43.43 0.64
CA ILE B 21 17.51 43.09 1.23
C ILE B 21 16.39 43.17 0.20
N GLU B 22 16.40 44.20 -0.66
CA GLU B 22 15.36 44.33 -1.68
C GLU B 22 15.40 43.15 -2.66
N LYS B 23 16.60 42.74 -3.08
CA LYS B 23 16.70 41.58 -3.97
C LYS B 23 16.12 40.34 -3.28
N LEU B 24 16.38 40.20 -1.99
CA LEU B 24 15.79 39.09 -1.25
C LEU B 24 14.26 39.14 -1.26
N GLN B 25 13.69 40.33 -1.09
CA GLN B 25 12.24 40.45 -1.14
C GLN B 25 11.70 39.92 -2.46
N TRP B 26 12.34 40.28 -3.57
CA TRP B 26 11.81 39.83 -4.86
C TRP B 26 11.90 38.30 -4.98
N LEU B 27 12.95 37.72 -4.40
CA LEU B 27 13.10 36.27 -4.43
C LEU B 27 11.96 35.60 -3.68
N HIS B 28 11.96 35.75 -2.35
CA HIS B 28 10.84 35.27 -1.53
C HIS B 28 9.45 35.57 -2.10
N GLN B 29 9.28 36.65 -2.86
CA GLN B 29 7.96 36.85 -3.47
C GLN B 29 7.71 35.80 -4.56
N GLN B 30 8.72 35.53 -5.39
CA GLN B 30 8.52 34.50 -6.41
C GLN B 30 8.23 33.15 -5.77
N GLU B 31 8.95 32.79 -4.70
CA GLU B 31 8.65 31.52 -4.03
C GLU B 31 7.22 31.52 -3.50
N LEU B 32 6.81 32.63 -2.88
CA LEU B 32 5.47 32.73 -2.31
C LEU B 32 4.40 32.54 -3.35
N SER B 33 4.64 32.96 -4.59
CA SER B 33 3.60 32.81 -5.59
C SER B 33 3.67 31.48 -6.31
N GLU B 34 4.82 30.80 -6.31
CA GLU B 34 4.95 29.46 -6.88
C GLU B 34 4.48 28.32 -5.97
N MET B 35 4.25 28.58 -4.66
CA MET B 35 3.88 27.48 -3.76
C MET B 35 2.60 26.76 -4.16
N LYS B 36 1.56 27.50 -4.58
CA LYS B 36 0.28 26.84 -4.91
C LYS B 36 0.44 25.91 -6.11
N HIS B 37 1.15 26.37 -7.15
CA HIS B 37 1.35 25.54 -8.34
C HIS B 37 2.17 24.31 -8.02
N ASN B 38 3.21 24.45 -7.18
CA ASN B 38 4.02 23.29 -6.83
C ASN B 38 3.22 22.27 -6.05
N LEU B 39 2.36 22.76 -5.14
CA LEU B 39 1.51 21.87 -4.35
C LEU B 39 0.50 21.13 -5.24
N GLU B 40 -0.12 21.84 -6.18
CA GLU B 40 -1.04 21.19 -7.09
C GLU B 40 -0.34 20.13 -7.94
N LEU B 41 0.90 20.42 -8.38
CA LEU B 41 1.59 19.46 -9.24
C LEU B 41 1.97 18.18 -8.51
N THR B 42 2.49 18.31 -7.28
CA THR B 42 2.85 17.09 -6.54
C THR B 42 1.60 16.31 -6.14
N MET B 43 0.53 17.02 -5.77
CA MET B 43 -0.71 16.34 -5.40
C MET B 43 -1.29 15.54 -6.56
N ALA B 44 -1.38 16.17 -7.74
CA ALA B 44 -1.93 15.47 -8.90
C ALA B 44 -1.04 14.30 -9.33
N GLU B 45 0.28 14.47 -9.26
CA GLU B 45 1.17 13.37 -9.63
C GLU B 45 0.98 12.17 -8.71
N MET B 46 0.80 12.43 -7.40
CA MET B 46 0.54 11.32 -6.47
C MET B 46 -0.82 10.65 -6.72
N ARG B 47 -1.87 11.45 -6.97
CA ARG B 47 -3.18 10.87 -7.24
C ARG B 47 -3.15 10.00 -8.50
N GLN B 48 -2.48 10.46 -9.54
CA GLN B 48 -2.40 9.66 -10.76
C GLN B 48 -1.60 8.38 -10.55
N SER B 49 -0.47 8.46 -9.84
CA SER B 49 0.32 7.23 -9.66
C SER B 49 -0.45 6.23 -8.81
N LEU B 50 -1.17 6.70 -7.80
CA LEU B 50 -1.96 5.79 -6.98
C LEU B 50 -3.07 5.12 -7.81
N GLU B 51 -3.71 5.88 -8.70
CA GLU B 51 -4.77 5.30 -9.52
C GLU B 51 -4.22 4.23 -10.45
N GLN B 52 -3.08 4.50 -11.11
CA GLN B 52 -2.51 3.49 -11.99
C GLN B 52 -2.08 2.26 -11.20
N GLU B 53 -1.55 2.45 -9.99
CA GLU B 53 -1.17 1.30 -9.17
C GLU B 53 -2.38 0.46 -8.74
N ARG B 54 -3.49 1.12 -8.40
CA ARG B 54 -4.69 0.38 -8.06
C ARG B 54 -5.14 -0.48 -9.24
N ASP B 55 -5.19 0.13 -10.43
CA ASP B 55 -5.64 -0.62 -11.60
C ASP B 55 -4.71 -1.80 -11.89
N ARG B 56 -3.40 -1.59 -11.72
CA ARG B 56 -2.46 -2.68 -11.96
C ARG B 56 -2.65 -3.83 -10.97
N LEU B 57 -2.76 -3.51 -9.68
CA LEU B 57 -2.91 -4.54 -8.66
C LEU B 57 -4.21 -5.33 -8.86
N ILE B 58 -5.30 -4.63 -9.19
CA ILE B 58 -6.56 -5.31 -9.47
C ILE B 58 -6.39 -6.26 -10.64
N ALA B 59 -5.73 -5.80 -11.72
CA ALA B 59 -5.55 -6.65 -12.89
C ALA B 59 -4.77 -7.91 -12.54
N GLU B 60 -3.68 -7.78 -11.78
CA GLU B 60 -2.90 -8.98 -11.46
C GLU B 60 -3.70 -9.95 -10.59
N VAL B 61 -4.47 -9.42 -9.62
CA VAL B 61 -5.25 -10.31 -8.77
C VAL B 61 -6.31 -11.05 -9.60
N LYS B 62 -6.94 -10.35 -10.53
CA LYS B 62 -7.95 -11.00 -11.36
C LYS B 62 -7.35 -12.06 -12.27
N LYS B 63 -6.21 -11.77 -12.91
CA LYS B 63 -5.58 -12.76 -13.79
C LYS B 63 -5.17 -13.99 -13.01
N GLN B 64 -4.63 -13.79 -11.80
CA GLN B 64 -4.20 -14.93 -11.01
C GLN B 64 -5.40 -15.75 -10.55
N LEU B 65 -6.48 -15.09 -10.16
CA LEU B 65 -7.62 -15.86 -9.68
C LEU B 65 -8.36 -16.54 -10.81
N GLU B 66 -8.34 -15.99 -12.03
CA GLU B 66 -8.88 -16.77 -13.13
C GLU B 66 -8.05 -18.01 -13.39
N LEU B 67 -6.73 -17.92 -13.21
CA LEU B 67 -5.93 -19.13 -13.36
C LEU B 67 -6.27 -20.15 -12.27
N GLU B 68 -6.32 -19.71 -11.01
CA GLU B 68 -6.64 -20.65 -9.94
C GLU B 68 -8.02 -21.28 -10.14
N LYS B 69 -8.98 -20.50 -10.61
CA LYS B 69 -10.31 -21.03 -10.84
C LYS B 69 -10.28 -22.13 -11.91
N GLN B 70 -9.57 -21.89 -13.03
CA GLN B 70 -9.50 -22.93 -14.05
C GLN B 70 -8.80 -24.19 -13.54
N GLN B 71 -7.72 -24.02 -12.74
CA GLN B 71 -7.05 -25.19 -12.19
C GLN B 71 -8.02 -25.98 -11.32
N ALA B 72 -8.81 -25.28 -10.49
CA ALA B 72 -9.76 -25.94 -9.63
C ALA B 72 -10.82 -26.69 -10.43
N VAL B 73 -11.40 -26.02 -11.41
CA VAL B 73 -12.44 -26.68 -12.22
C VAL B 73 -11.88 -27.94 -12.88
N ASP B 74 -10.71 -27.85 -13.51
CA ASP B 74 -10.15 -29.05 -14.17
C ASP B 74 -9.92 -30.19 -13.18
N GLU B 75 -9.36 -29.86 -12.00
CA GLU B 75 -9.18 -30.90 -10.99
C GLU B 75 -10.53 -31.54 -10.66
N THR B 76 -11.56 -30.73 -10.54
CA THR B 76 -12.86 -31.25 -10.20
C THR B 76 -13.42 -32.15 -11.29
N LYS B 77 -13.12 -31.85 -12.55
CA LYS B 77 -13.60 -32.69 -13.64
C LYS B 77 -12.97 -34.07 -13.57
N LYS B 78 -11.78 -34.18 -12.99
CA LYS B 78 -11.10 -35.48 -12.96
C LYS B 78 -11.66 -36.50 -11.95
N LYS B 79 -12.61 -36.13 -11.09
CA LYS B 79 -13.12 -36.99 -10.02
C LYS B 79 -14.64 -37.11 -10.08
N GLN B 80 -15.15 -38.07 -9.31
CA GLN B 80 -16.59 -38.28 -9.12
C GLN B 80 -17.05 -37.72 -7.77
N TRP B 81 -18.27 -37.16 -7.74
CA TRP B 81 -18.73 -36.48 -6.54
C TRP B 81 -20.06 -37.04 -6.05
N CYS B 82 -20.19 -37.19 -4.72
CA CYS B 82 -21.39 -37.76 -4.09
C CYS B 82 -22.63 -36.96 -4.44
N ALA B 83 -23.65 -37.65 -4.94
CA ALA B 83 -24.86 -36.98 -5.37
C ALA B 83 -25.67 -36.40 -4.22
N ASN B 84 -25.29 -36.71 -3.00
CA ASN B 84 -26.01 -36.27 -1.83
C ASN B 84 -25.26 -35.22 -1.01
N CYS B 85 -23.93 -35.33 -0.89
CA CYS B 85 -23.17 -34.42 -0.03
C CYS B 85 -22.03 -33.71 -0.72
N LYS B 86 -21.76 -34.01 -1.99
CA LYS B 86 -20.74 -33.33 -2.78
C LYS B 86 -19.30 -33.59 -2.33
N LYS B 87 -19.07 -34.52 -1.40
CA LYS B 87 -17.72 -34.97 -1.20
C LYS B 87 -17.31 -35.93 -2.32
N GLU B 88 -16.02 -36.25 -2.35
CA GLU B 88 -15.54 -37.16 -3.37
C GLU B 88 -16.18 -38.54 -3.16
N ALA B 89 -16.63 -39.15 -4.26
CA ALA B 89 -17.35 -40.42 -4.23
C ALA B 89 -16.45 -41.63 -4.49
N ILE B 90 -16.93 -42.78 -4.05
CA ILE B 90 -16.19 -44.03 -4.21
C ILE B 90 -16.99 -45.10 -4.94
N PHE B 91 -18.30 -44.95 -5.13
CA PHE B 91 -18.97 -45.92 -5.99
C PHE B 91 -20.14 -45.27 -6.70
N TYR B 92 -20.76 -46.01 -7.61
CA TYR B 92 -21.84 -45.40 -8.36
C TYR B 92 -23.04 -46.31 -8.44
N CYS B 93 -24.21 -45.69 -8.60
CA CYS B 93 -25.47 -46.35 -8.81
C CYS B 93 -25.78 -46.44 -10.30
N CYS B 94 -25.65 -45.33 -10.98
CA CYS B 94 -25.93 -45.27 -12.40
C CYS B 94 -25.35 -43.96 -12.90
N TRP B 95 -25.61 -43.66 -14.15
CA TRP B 95 -25.00 -42.54 -14.84
C TRP B 95 -25.13 -41.26 -14.03
N ASN B 96 -23.97 -40.66 -13.75
CA ASN B 96 -23.89 -39.39 -13.05
C ASN B 96 -24.55 -39.43 -11.68
N THR B 97 -24.52 -40.61 -11.06
CA THR B 97 -25.01 -40.77 -9.71
C THR B 97 -24.00 -41.63 -8.97
N SER B 98 -23.12 -40.98 -8.21
CA SER B 98 -22.14 -41.67 -7.39
C SER B 98 -22.31 -41.23 -5.95
N TYR B 99 -21.72 -41.98 -5.05
CA TYR B 99 -21.88 -41.73 -3.62
C TYR B 99 -20.56 -41.96 -2.90
N CYS B 100 -20.39 -41.24 -1.79
CA CYS B 100 -19.19 -41.39 -0.97
C CYS B 100 -19.31 -42.54 0.02
N ASP B 101 -20.51 -42.89 0.44
CA ASP B 101 -20.68 -43.98 1.40
C ASP B 101 -22.12 -44.46 1.32
N TYR B 102 -22.38 -45.58 1.95
CA TYR B 102 -23.72 -46.12 1.79
C TYR B 102 -24.79 -45.20 2.41
N PRO B 103 -24.55 -44.54 3.55
CA PRO B 103 -25.62 -43.68 4.09
C PRO B 103 -26.04 -42.56 3.14
N CYS B 104 -25.11 -42.01 2.36
CA CYS B 104 -25.52 -41.03 1.36
C CYS B 104 -26.38 -41.68 0.28
N GLN B 105 -26.03 -42.91 -0.13
CA GLN B 105 -26.88 -43.60 -1.10
C GLN B 105 -28.30 -43.71 -0.59
N GLN B 106 -28.47 -44.21 0.64
CA GLN B 106 -29.80 -44.36 1.21
C GLN B 106 -30.52 -43.02 1.32
N ALA B 107 -29.85 -42.02 1.88
CA ALA B 107 -30.48 -40.72 2.09
C ALA B 107 -30.97 -40.14 0.78
N HIS B 108 -30.23 -40.38 -0.29
CA HIS B 108 -30.57 -39.81 -1.57
C HIS B 108 -31.57 -40.66 -2.33
N TRP B 109 -31.76 -41.91 -1.90
CA TRP B 109 -32.65 -42.81 -2.63
C TRP B 109 -34.08 -42.27 -2.79
N PRO B 110 -34.72 -41.67 -1.78
CA PRO B 110 -36.06 -41.14 -2.03
C PRO B 110 -36.12 -40.16 -3.18
N GLU B 111 -35.09 -39.32 -3.35
CA GLU B 111 -35.14 -38.39 -4.48
C GLU B 111 -34.67 -39.04 -5.77
N HIS B 112 -33.66 -39.93 -5.70
CA HIS B 112 -33.06 -40.50 -6.91
C HIS B 112 -33.92 -41.58 -7.56
N MET B 113 -34.80 -42.24 -6.79
CA MET B 113 -35.60 -43.35 -7.31
C MET B 113 -36.31 -42.98 -8.61
N LYS B 114 -36.81 -41.75 -8.69
CA LYS B 114 -37.60 -41.34 -9.83
C LYS B 114 -36.80 -41.35 -11.13
N SER B 115 -35.48 -41.19 -11.06
CA SER B 115 -34.68 -41.00 -12.27
C SER B 115 -33.43 -41.88 -12.26
N CYS B 116 -33.59 -43.17 -12.00
CA CYS B 116 -32.46 -44.09 -11.89
C CYS B 116 -32.45 -45.07 -13.06
N THR B 117 -31.28 -45.67 -13.30
CA THR B 117 -31.10 -46.64 -14.37
C THR B 117 -30.34 -47.86 -13.86
N GLN B 118 -30.58 -49.00 -14.51
CA GLN B 118 -29.93 -50.32 -14.28
C GLN B 118 -30.78 -51.18 -13.34
N MET C 2 -18.37 -55.67 15.16
CA MET C 2 -19.66 -56.37 15.16
C MET C 2 -20.73 -55.72 14.27
N SER C 3 -20.51 -54.46 13.96
CA SER C 3 -21.46 -53.65 13.20
C SER C 3 -20.88 -53.32 11.82
N LYS C 4 -21.76 -52.80 10.96
CA LYS C 4 -21.43 -52.56 9.56
C LYS C 4 -20.70 -51.23 9.43
N ASN C 5 -19.42 -51.28 9.04
CA ASN C 5 -18.60 -50.09 8.94
C ASN C 5 -17.98 -49.92 7.56
N THR C 6 -18.59 -50.52 6.54
CA THR C 6 -18.01 -50.52 5.21
C THR C 6 -19.11 -50.70 4.18
N THR C 7 -18.83 -50.22 2.97
CA THR C 7 -19.77 -50.41 1.87
C THR C 7 -19.85 -51.85 1.40
N GLY C 8 -18.93 -52.70 1.83
CA GLY C 8 -18.87 -54.06 1.38
C GLY C 8 -18.09 -54.26 0.10
N SER C 9 -18.00 -53.24 -0.76
CA SER C 9 -17.25 -53.38 -2.01
C SER C 9 -15.76 -53.26 -1.75
N THR C 10 -15.01 -54.23 -2.22
CA THR C 10 -13.57 -54.17 -2.02
C THR C 10 -12.95 -53.03 -2.86
N ILE C 11 -13.40 -52.86 -4.12
CA ILE C 11 -12.78 -51.79 -4.91
C ILE C 11 -13.14 -50.43 -4.31
N ALA C 12 -14.36 -50.28 -3.78
CA ALA C 12 -14.73 -49.01 -3.15
C ALA C 12 -13.86 -48.73 -1.94
N GLU C 13 -13.50 -49.76 -1.18
CA GLU C 13 -12.64 -49.52 -0.06
C GLU C 13 -11.25 -49.09 -0.53
N ILE C 14 -10.81 -49.63 -1.68
CA ILE C 14 -9.53 -49.19 -2.24
C ILE C 14 -9.61 -47.72 -2.67
N ARG C 15 -10.71 -47.34 -3.30
CA ARG C 15 -10.87 -45.94 -3.67
C ARG C 15 -10.84 -45.03 -2.44
N ARG C 16 -11.43 -45.48 -1.33
N ARG C 16 -11.45 -45.46 -1.33
CA ARG C 16 -11.37 -44.70 -0.09
CA ARG C 16 -11.37 -44.74 -0.07
C ARG C 16 -9.93 -44.57 0.39
C ARG C 16 -9.92 -44.57 0.36
N LEU C 17 -9.16 -45.66 0.30
CA LEU C 17 -7.74 -45.61 0.62
C LEU C 17 -7.00 -44.61 -0.26
N ARG C 18 -7.28 -44.61 -1.57
CA ARG C 18 -6.61 -43.67 -2.47
C ARG C 18 -6.92 -42.23 -2.06
N ILE C 19 -8.17 -41.96 -1.71
CA ILE C 19 -8.51 -40.61 -1.28
C ILE C 19 -7.72 -40.24 -0.05
N GLU C 20 -7.61 -41.15 0.93
CA GLU C 20 -6.86 -40.77 2.12
C GLU C 20 -5.39 -40.57 1.81
N ILE C 21 -4.78 -41.45 0.99
CA ILE C 21 -3.38 -41.26 0.62
C ILE C 21 -3.16 -39.94 -0.10
N GLU C 22 -4.06 -39.58 -1.02
CA GLU C 22 -3.93 -38.31 -1.71
C GLU C 22 -4.02 -37.14 -0.73
N LYS C 23 -4.90 -37.25 0.28
CA LYS C 23 -4.97 -36.19 1.28
C LYS C 23 -3.67 -36.09 2.07
N LEU C 24 -3.09 -37.23 2.43
CA LEU C 24 -1.80 -37.21 3.12
C LEU C 24 -0.73 -36.56 2.25
N GLN C 25 -0.71 -36.92 0.97
CA GLN C 25 0.26 -36.35 0.03
C GLN C 25 0.12 -34.83 -0.02
N TRP C 26 -1.12 -34.34 -0.03
CA TRP C 26 -1.33 -32.91 -0.07
C TRP C 26 -0.82 -32.26 1.22
N LEU C 27 -0.92 -32.96 2.35
CA LEU C 27 -0.38 -32.36 3.58
C LEU C 27 1.15 -32.31 3.50
N HIS C 28 1.77 -33.39 3.02
CA HIS C 28 3.20 -33.31 2.74
C HIS C 28 3.56 -32.08 1.91
N GLN C 29 2.75 -31.77 0.88
CA GLN C 29 3.04 -30.60 0.07
C GLN C 29 2.92 -29.32 0.87
N GLN C 30 1.88 -29.24 1.72
CA GLN C 30 1.70 -28.05 2.52
C GLN C 30 2.86 -27.84 3.48
N GLU C 31 3.36 -28.91 4.11
CA GLU C 31 4.50 -28.76 5.00
C GLU C 31 5.75 -28.33 4.24
N LEU C 32 6.02 -28.93 3.07
CA LEU C 32 7.19 -28.47 2.31
C LEU C 32 7.07 -27.01 1.93
N SER C 33 5.85 -26.54 1.70
CA SER C 33 5.73 -25.16 1.28
C SER C 33 5.71 -24.20 2.46
N GLU C 34 5.33 -24.68 3.66
CA GLU C 34 5.44 -23.82 4.82
C GLU C 34 6.87 -23.74 5.30
N MET C 35 7.65 -24.80 5.06
CA MET C 35 9.07 -24.73 5.38
C MET C 35 9.77 -23.80 4.40
N LYS C 36 9.43 -23.89 3.11
CA LYS C 36 10.06 -22.97 2.15
C LYS C 36 9.68 -21.53 2.51
N HIS C 37 8.43 -21.32 2.91
CA HIS C 37 7.98 -19.98 3.30
C HIS C 37 8.76 -19.46 4.51
N ASN C 38 9.00 -20.34 5.50
CA ASN C 38 9.75 -19.94 6.70
C ASN C 38 11.21 -19.66 6.36
N LEU C 39 11.80 -20.40 5.42
CA LEU C 39 13.15 -20.07 4.99
C LEU C 39 13.18 -18.68 4.35
N GLU C 40 12.17 -18.36 3.55
CA GLU C 40 12.08 -17.03 2.98
C GLU C 40 11.98 -15.96 4.07
N LEU C 41 11.21 -16.25 5.12
CA LEU C 41 11.02 -15.28 6.21
C LEU C 41 12.28 -15.12 7.05
N THR C 42 12.99 -16.20 7.35
CA THR C 42 14.22 -16.06 8.10
C THR C 42 15.29 -15.34 7.28
N MET C 43 15.40 -15.67 5.99
CA MET C 43 16.38 -14.97 5.16
C MET C 43 16.07 -13.48 5.08
N ALA C 44 14.81 -13.12 4.88
CA ALA C 44 14.46 -11.70 4.85
C ALA C 44 14.65 -11.03 6.20
N GLU C 45 14.29 -11.70 7.31
CA GLU C 45 14.40 -11.08 8.63
C GLU C 45 15.85 -10.79 8.98
N MET C 46 16.72 -11.76 8.75
CA MET C 46 18.10 -11.45 9.03
C MET C 46 18.68 -10.42 8.03
N ARG C 47 18.23 -10.44 6.77
CA ARG C 47 18.66 -9.37 5.86
C ARG C 47 18.29 -8.01 6.46
N GLN C 48 17.13 -7.91 7.12
CA GLN C 48 16.76 -6.67 7.80
C GLN C 48 17.73 -6.37 8.94
N SER C 49 18.13 -7.40 9.70
CA SER C 49 19.06 -7.14 10.80
C SER C 49 20.42 -6.65 10.28
N LEU C 50 20.90 -7.22 9.16
CA LEU C 50 22.17 -6.81 8.58
C LEU C 50 22.11 -5.38 8.05
N GLU C 51 21.00 -5.03 7.40
CA GLU C 51 20.86 -3.66 6.91
C GLU C 51 20.84 -2.69 8.08
N GLN C 52 20.13 -3.05 9.16
CA GLN C 52 20.06 -2.24 10.36
C GLN C 52 21.46 -2.03 10.97
N GLU C 53 22.26 -3.10 10.99
CA GLU C 53 23.59 -3.03 11.56
C GLU C 53 24.49 -2.12 10.74
N ARG C 54 24.36 -2.21 9.41
CA ARG C 54 25.08 -1.31 8.51
C ARG C 54 24.68 0.15 8.76
N ASP C 55 23.41 0.40 9.03
CA ASP C 55 22.99 1.76 9.37
C ASP C 55 23.72 2.27 10.62
N ARG C 56 23.90 1.40 11.62
CA ARG C 56 24.64 1.85 12.80
C ARG C 56 26.10 2.19 12.46
N LEU C 57 26.75 1.33 11.67
CA LEU C 57 28.13 1.62 11.26
C LEU C 57 28.23 2.91 10.46
N ILE C 58 27.31 3.12 9.52
CA ILE C 58 27.31 4.37 8.75
C ILE C 58 27.22 5.57 9.68
N ALA C 59 26.31 5.51 10.67
CA ALA C 59 26.21 6.60 11.63
C ALA C 59 27.54 6.86 12.33
N GLU C 60 28.26 5.79 12.70
CA GLU C 60 29.56 6.01 13.36
C GLU C 60 30.55 6.69 12.41
N VAL C 61 30.57 6.27 11.14
CA VAL C 61 31.48 6.91 10.20
C VAL C 61 31.12 8.38 10.00
N LYS C 62 29.81 8.69 9.94
CA LYS C 62 29.41 10.10 9.85
C LYS C 62 29.86 10.87 11.07
N LYS C 63 29.73 10.26 12.24
CA LYS C 63 30.12 10.91 13.47
C LYS C 63 31.61 11.29 13.42
N GLN C 64 32.45 10.41 12.87
CA GLN C 64 33.88 10.77 12.74
C GLN C 64 34.09 11.86 11.69
N LEU C 65 33.34 11.83 10.58
CA LEU C 65 33.61 12.79 9.52
C LEU C 65 33.15 14.19 9.88
N GLU C 66 32.07 14.32 10.66
CA GLU C 66 31.63 15.63 11.10
C GLU C 66 32.62 16.24 12.09
N LEU C 67 33.28 15.40 12.90
CA LEU C 67 34.33 15.90 13.78
C LEU C 67 35.51 16.40 12.96
N GLU C 68 35.90 15.64 11.94
CA GLU C 68 36.97 16.14 11.07
C GLU C 68 36.59 17.47 10.47
N LYS C 69 35.33 17.61 10.05
CA LYS C 69 34.90 18.87 9.46
C LYS C 69 35.05 20.01 10.45
N GLN C 70 34.62 19.79 11.70
CA GLN C 70 34.71 20.85 12.69
C GLN C 70 36.16 21.25 12.96
N GLN C 71 37.05 20.27 13.08
CA GLN C 71 38.45 20.60 13.29
C GLN C 71 39.03 21.37 12.11
N ALA C 72 38.67 20.96 10.88
CA ALA C 72 39.17 21.69 9.72
C ALA C 72 38.68 23.13 9.75
N VAL C 73 37.39 23.32 10.05
CA VAL C 73 36.84 24.67 10.11
C VAL C 73 37.63 25.52 11.10
N ASP C 74 37.82 24.99 12.33
CA ASP C 74 38.50 25.77 13.37
C ASP C 74 39.95 26.07 13.00
N GLU C 75 40.65 25.06 12.48
CA GLU C 75 42.03 25.29 12.05
C GLU C 75 42.07 26.39 11.00
N THR C 76 41.07 26.41 10.10
CA THR C 76 40.98 27.48 9.11
C THR C 76 40.76 28.83 9.77
N LYS C 77 40.00 28.86 10.87
CA LYS C 77 39.78 30.15 11.54
C LYS C 77 41.08 30.71 12.11
N LYS C 78 42.08 29.88 12.36
CA LYS C 78 43.30 30.41 12.97
C LYS C 78 44.23 31.16 12.02
N LYS C 79 43.97 31.17 10.71
CA LYS C 79 44.90 31.74 9.73
C LYS C 79 44.19 32.80 8.87
N GLN C 80 44.99 33.55 8.09
CA GLN C 80 44.51 34.48 7.07
C GLN C 80 44.66 33.83 5.69
N TRP C 81 43.72 34.13 4.78
CA TRP C 81 43.68 33.44 3.48
C TRP C 81 43.69 34.42 2.32
N CYS C 82 44.40 34.04 1.26
CA CYS C 82 44.57 34.94 0.12
C CYS C 82 43.24 35.33 -0.51
N ALA C 83 43.03 36.63 -0.67
CA ALA C 83 41.82 37.14 -1.33
C ALA C 83 41.82 36.83 -2.80
N ASN C 84 42.94 36.39 -3.35
CA ASN C 84 43.03 36.09 -4.75
C ASN C 84 43.05 34.60 -5.07
N CYS C 85 43.80 33.79 -4.31
CA CYS C 85 44.01 32.38 -4.65
C CYS C 85 43.61 31.40 -3.55
N LYS C 86 43.18 31.88 -2.39
CA LYS C 86 42.68 31.06 -1.29
C LYS C 86 43.76 30.18 -0.66
N LYS C 87 45.03 30.37 -1.02
CA LYS C 87 46.11 29.82 -0.22
C LYS C 87 46.37 30.72 1.01
N GLU C 88 47.16 30.21 1.94
CA GLU C 88 47.44 30.96 3.16
C GLU C 88 48.18 32.25 2.83
N ALA C 89 47.75 33.33 3.47
CA ALA C 89 48.26 34.65 3.21
C ALA C 89 49.35 35.04 4.21
N ILE C 90 50.22 35.97 3.81
CA ILE C 90 51.32 36.38 4.66
C ILE C 90 51.36 37.89 4.85
N PHE C 91 50.56 38.65 4.09
CA PHE C 91 50.42 40.05 4.48
C PHE C 91 49.02 40.54 4.14
N TYR C 92 48.70 41.77 4.59
CA TYR C 92 47.35 42.27 4.38
C TYR C 92 47.36 43.70 3.88
N CYS C 93 46.29 44.04 3.18
CA CYS C 93 46.07 45.35 2.60
C CYS C 93 45.15 46.18 3.47
N CYS C 94 44.01 45.61 3.87
CA CYS C 94 43.03 46.26 4.74
C CYS C 94 42.13 45.16 5.29
N TRP C 95 41.02 45.57 5.91
CA TRP C 95 40.14 44.62 6.59
C TRP C 95 39.75 43.46 5.66
N ASN C 96 40.07 42.24 6.10
CA ASN C 96 39.68 41.00 5.42
C ASN C 96 40.15 40.95 3.96
N THR C 97 41.30 41.56 3.68
CA THR C 97 41.92 41.47 2.35
C THR C 97 43.40 41.19 2.57
N SER C 98 43.78 39.92 2.39
CA SER C 98 45.17 39.53 2.57
C SER C 98 45.65 38.80 1.32
N TYR C 99 46.97 38.66 1.24
CA TYR C 99 47.59 38.07 0.06
C TYR C 99 48.73 37.16 0.46
N CYS C 100 48.97 36.17 -0.41
CA CYS C 100 50.03 35.19 -0.26
C CYS C 100 51.35 35.70 -0.80
N ASP C 101 51.34 36.43 -1.91
CA ASP C 101 52.54 37.02 -2.48
C ASP C 101 52.12 38.29 -3.22
N TYR C 102 53.09 39.00 -3.77
CA TYR C 102 52.79 40.21 -4.52
C TYR C 102 52.03 39.95 -5.82
N PRO C 103 52.30 38.87 -6.57
CA PRO C 103 51.51 38.65 -7.78
C PRO C 103 50.02 38.56 -7.53
N CYS C 104 49.60 37.96 -6.41
CA CYS C 104 48.18 37.90 -6.13
C CYS C 104 47.63 39.29 -5.83
N GLN C 105 48.39 40.07 -5.07
CA GLN C 105 47.99 41.45 -4.77
C GLN C 105 47.77 42.24 -6.05
N GLN C 106 48.73 42.17 -6.95
CA GLN C 106 48.62 42.86 -8.22
C GLN C 106 47.37 42.38 -8.95
N ALA C 107 47.21 41.05 -9.05
CA ALA C 107 46.12 40.48 -9.83
C ALA C 107 44.78 40.99 -9.32
N HIS C 108 44.64 41.08 -8.01
CA HIS C 108 43.38 41.44 -7.41
C HIS C 108 43.16 42.95 -7.37
N TRP C 109 44.23 43.73 -7.52
CA TRP C 109 44.14 45.18 -7.34
C TRP C 109 43.11 45.86 -8.25
N PRO C 110 42.98 45.54 -9.54
CA PRO C 110 41.95 46.22 -10.34
C PRO C 110 40.54 46.05 -9.78
N GLU C 111 40.23 44.91 -9.17
CA GLU C 111 38.92 44.79 -8.53
C GLU C 111 38.93 45.37 -7.13
N HIS C 112 40.01 45.17 -6.38
CA HIS C 112 40.01 45.56 -4.98
C HIS C 112 40.07 47.07 -4.80
N MET C 113 40.67 47.77 -5.77
CA MET C 113 40.85 49.21 -5.67
C MET C 113 39.53 49.93 -5.41
N LYS C 114 38.44 49.44 -6.01
CA LYS C 114 37.15 50.10 -5.86
C LYS C 114 36.66 50.10 -4.40
N SER C 115 37.08 49.15 -3.58
CA SER C 115 36.53 49.05 -2.22
C SER C 115 37.62 48.77 -1.20
N CYS C 116 38.71 49.52 -1.23
CA CYS C 116 39.87 49.28 -0.38
C CYS C 116 39.98 50.36 0.68
N THR C 117 40.72 50.06 1.73
CA THR C 117 40.93 51.01 2.82
C THR C 117 42.41 51.07 3.19
N GLN C 118 42.84 52.26 3.63
CA GLN C 118 44.22 52.50 4.06
C GLN C 118 44.46 53.99 4.32
N GLY D 8 24.30 61.99 1.63
CA GLY D 8 23.10 62.52 2.25
C GLY D 8 22.98 62.28 3.76
N SER D 9 21.75 62.09 4.23
CA SER D 9 21.52 61.80 5.64
C SER D 9 21.78 60.33 5.93
N THR D 10 22.68 60.06 6.87
CA THR D 10 22.91 58.68 7.27
C THR D 10 21.72 58.11 8.04
N ILE D 11 21.13 58.90 8.94
CA ILE D 11 20.03 58.36 9.72
C ILE D 11 18.83 58.09 8.82
N ALA D 12 18.62 58.95 7.81
CA ALA D 12 17.53 58.68 6.88
C ALA D 12 17.79 57.40 6.10
N GLU D 13 19.05 57.19 5.74
CA GLU D 13 19.39 55.99 5.00
C GLU D 13 19.18 54.74 5.84
N ILE D 14 19.49 54.83 7.14
CA ILE D 14 19.23 53.70 8.03
C ILE D 14 17.75 53.45 8.17
N ARG D 15 16.97 54.52 8.36
CA ARG D 15 15.53 54.37 8.48
C ARG D 15 14.93 53.69 7.25
N ARG D 16 15.47 54.02 6.08
CA ARG D 16 15.10 53.31 4.86
C ARG D 16 15.41 51.82 4.99
N LEU D 17 16.62 51.52 5.46
CA LEU D 17 16.99 50.13 5.64
C LEU D 17 16.01 49.42 6.58
N ARG D 18 15.61 50.07 7.67
CA ARG D 18 14.65 49.46 8.58
C ARG D 18 13.37 49.15 7.84
N ILE D 19 12.88 50.09 7.03
CA ILE D 19 11.64 49.82 6.32
C ILE D 19 11.77 48.59 5.43
N GLU D 20 12.89 48.46 4.73
CA GLU D 20 13.06 47.31 3.86
C GLU D 20 13.13 46.01 4.65
N ILE D 21 13.86 46.01 5.77
CA ILE D 21 13.92 44.80 6.60
C ILE D 21 12.56 44.44 7.16
N GLU D 22 11.81 45.42 7.67
CA GLU D 22 10.48 45.13 8.18
C GLU D 22 9.62 44.52 7.08
N LYS D 23 9.76 45.02 5.85
CA LYS D 23 9.00 44.47 4.73
C LYS D 23 9.40 43.03 4.45
N LEU D 24 10.70 42.74 4.48
CA LEU D 24 11.13 41.36 4.27
C LEU D 24 10.57 40.46 5.36
N GLN D 25 10.57 40.96 6.59
CA GLN D 25 10.01 40.21 7.71
C GLN D 25 8.52 39.93 7.49
N TRP D 26 7.76 40.92 7.03
CA TRP D 26 6.33 40.69 6.83
C TRP D 26 6.12 39.68 5.72
N LEU D 27 7.01 39.69 4.73
CA LEU D 27 6.90 38.75 3.64
C LEU D 27 7.16 37.34 4.17
N HIS D 28 8.33 37.11 4.77
CA HIS D 28 8.54 35.85 5.48
C HIS D 28 7.33 35.35 6.28
N GLN D 29 6.63 36.27 6.95
CA GLN D 29 5.43 35.87 7.70
C GLN D 29 4.32 35.40 6.76
N GLN D 30 4.17 36.08 5.63
CA GLN D 30 3.22 35.62 4.62
C GLN D 30 3.58 34.24 4.11
N GLU D 31 4.87 33.96 3.92
CA GLU D 31 5.27 32.63 3.49
C GLU D 31 4.88 31.58 4.54
N LEU D 32 5.17 31.86 5.81
CA LEU D 32 4.84 30.85 6.84
C LEU D 32 3.35 30.63 6.90
N SER D 33 2.55 31.66 6.69
CA SER D 33 1.13 31.39 6.86
C SER D 33 0.51 30.83 5.59
N GLU D 34 1.16 31.06 4.43
CA GLU D 34 0.65 30.43 3.22
C GLU D 34 1.00 28.95 3.20
N MET D 35 2.13 28.58 3.79
CA MET D 35 2.44 27.16 3.91
C MET D 35 1.52 26.50 4.93
N LYS D 36 1.18 27.22 6.01
CA LYS D 36 0.23 26.67 6.97
C LYS D 36 -1.11 26.40 6.27
N HIS D 37 -1.53 27.34 5.43
CA HIS D 37 -2.77 27.17 4.68
C HIS D 37 -2.67 25.99 3.70
N ASN D 38 -1.52 25.84 3.04
CA ASN D 38 -1.35 24.75 2.09
C ASN D 38 -1.39 23.41 2.80
N LEU D 39 -0.87 23.36 4.01
CA LEU D 39 -0.94 22.15 4.80
C LEU D 39 -2.40 21.83 5.13
N GLU D 40 -3.19 22.87 5.44
CA GLU D 40 -4.62 22.65 5.68
C GLU D 40 -5.33 22.15 4.42
N LEU D 41 -4.98 22.68 3.24
CA LEU D 41 -5.61 22.24 2.01
C LEU D 41 -5.24 20.79 1.72
N THR D 42 -3.99 20.43 2.01
CA THR D 42 -3.57 19.06 1.81
C THR D 42 -4.36 18.13 2.72
N MET D 43 -4.63 18.56 3.95
CA MET D 43 -5.47 17.74 4.83
C MET D 43 -6.90 17.61 4.28
N ALA D 44 -7.47 18.70 3.76
CA ALA D 44 -8.80 18.62 3.19
C ALA D 44 -8.83 17.68 1.98
N GLU D 45 -7.77 17.73 1.16
CA GLU D 45 -7.63 16.86 0.00
C GLU D 45 -7.49 15.40 0.43
N MET D 46 -6.79 15.15 1.54
CA MET D 46 -6.69 13.79 2.06
C MET D 46 -8.06 13.28 2.51
N ARG D 47 -8.82 14.13 3.21
CA ARG D 47 -10.16 13.71 3.64
C ARG D 47 -11.06 13.40 2.44
N GLN D 48 -11.02 14.23 1.40
CA GLN D 48 -11.86 13.99 0.23
C GLN D 48 -11.45 12.72 -0.51
N SER D 49 -10.14 12.49 -0.67
CA SER D 49 -9.68 11.31 -1.39
C SER D 49 -10.02 10.03 -0.62
N LEU D 50 -9.88 10.07 0.71
CA LEU D 50 -10.25 8.93 1.55
C LEU D 50 -11.75 8.67 1.50
N GLU D 51 -12.55 9.73 1.47
CA GLU D 51 -13.99 9.55 1.34
C GLU D 51 -14.34 8.92 0.00
N GLN D 52 -13.68 9.34 -1.08
CA GLN D 52 -13.94 8.72 -2.38
C GLN D 52 -13.57 7.24 -2.37
N GLU D 53 -12.45 6.90 -1.73
CA GLU D 53 -12.07 5.49 -1.69
C GLU D 53 -13.08 4.68 -0.87
N ARG D 54 -13.63 5.28 0.21
CA ARG D 54 -14.68 4.61 0.96
C ARG D 54 -15.90 4.37 0.10
N ASP D 55 -16.30 5.36 -0.70
CA ASP D 55 -17.43 5.18 -1.60
C ASP D 55 -17.17 4.04 -2.59
N ARG D 56 -15.93 3.92 -3.08
CA ARG D 56 -15.60 2.84 -4.01
C ARG D 56 -15.74 1.48 -3.34
N LEU D 57 -15.24 1.36 -2.10
CA LEU D 57 -15.38 0.12 -1.34
C LEU D 57 -16.85 -0.21 -1.09
N ILE D 58 -17.64 0.80 -0.73
CA ILE D 58 -19.07 0.59 -0.53
C ILE D 58 -19.71 0.06 -1.80
N ALA D 59 -19.36 0.64 -2.95
CA ALA D 59 -19.94 0.17 -4.20
C ALA D 59 -19.61 -1.30 -4.45
N GLU D 60 -18.38 -1.72 -4.12
CA GLU D 60 -18.09 -3.15 -4.29
C GLU D 60 -18.92 -4.00 -3.33
N VAL D 61 -19.11 -3.56 -2.09
CA VAL D 61 -19.91 -4.34 -1.15
C VAL D 61 -21.36 -4.42 -1.62
N LYS D 62 -21.91 -3.33 -2.17
CA LYS D 62 -23.25 -3.41 -2.73
C LYS D 62 -23.31 -4.36 -3.92
N LYS D 63 -22.27 -4.34 -4.77
CA LYS D 63 -22.25 -5.23 -5.92
C LYS D 63 -22.30 -6.70 -5.47
N GLN D 64 -21.56 -7.05 -4.41
CA GLN D 64 -21.58 -8.45 -3.97
C GLN D 64 -22.88 -8.80 -3.26
N LEU D 65 -23.45 -7.86 -2.50
CA LEU D 65 -24.68 -8.16 -1.79
C LEU D 65 -25.86 -8.26 -2.75
N GLU D 66 -25.83 -7.51 -3.86
CA GLU D 66 -26.90 -7.62 -4.84
C GLU D 66 -26.87 -8.98 -5.53
N LEU D 67 -25.67 -9.54 -5.72
CA LEU D 67 -25.55 -10.90 -6.24
C LEU D 67 -26.07 -11.91 -5.23
N GLU D 68 -25.75 -11.73 -3.94
CA GLU D 68 -26.32 -12.66 -2.97
C GLU D 68 -27.85 -12.61 -3.01
N LYS D 69 -28.42 -11.40 -3.16
CA LYS D 69 -29.88 -11.30 -3.29
C LYS D 69 -30.37 -12.10 -4.47
N GLN D 70 -29.73 -11.92 -5.65
CA GLN D 70 -30.21 -12.65 -6.82
C GLN D 70 -30.10 -14.16 -6.65
N GLN D 71 -29.00 -14.65 -6.10
CA GLN D 71 -28.89 -16.07 -5.88
C GLN D 71 -29.96 -16.55 -4.91
N ALA D 72 -30.25 -15.77 -3.88
CA ALA D 72 -31.28 -16.19 -2.94
C ALA D 72 -32.60 -16.33 -3.66
N VAL D 73 -32.95 -15.33 -4.47
CA VAL D 73 -34.18 -15.40 -5.24
C VAL D 73 -34.21 -16.62 -6.14
N ASP D 74 -33.15 -16.83 -6.89
CA ASP D 74 -33.12 -17.94 -7.82
C ASP D 74 -33.25 -19.27 -7.08
N GLU D 75 -32.60 -19.41 -5.91
CA GLU D 75 -32.75 -20.63 -5.12
C GLU D 75 -34.20 -20.82 -4.71
N THR D 76 -34.83 -19.75 -4.26
CA THR D 76 -36.21 -19.86 -3.81
C THR D 76 -37.15 -20.28 -4.94
N LYS D 77 -36.86 -19.89 -6.18
CA LYS D 77 -37.74 -20.28 -7.27
C LYS D 77 -37.78 -21.79 -7.50
N LYS D 78 -36.75 -22.51 -7.07
CA LYS D 78 -36.61 -23.95 -7.27
C LYS D 78 -37.46 -24.81 -6.34
N LYS D 79 -38.08 -24.25 -5.31
CA LYS D 79 -38.84 -25.06 -4.36
C LYS D 79 -40.27 -24.52 -4.21
N GLN D 80 -41.11 -25.32 -3.55
CA GLN D 80 -42.45 -24.92 -3.19
C GLN D 80 -42.48 -24.53 -1.72
N TRP D 81 -43.30 -23.55 -1.39
CA TRP D 81 -43.33 -22.99 -0.04
C TRP D 81 -44.72 -23.07 0.58
N CYS D 82 -44.77 -23.39 1.86
CA CYS D 82 -46.04 -23.59 2.54
C CYS D 82 -46.89 -22.33 2.50
N ALA D 83 -48.11 -22.47 1.99
CA ALA D 83 -49.01 -21.32 1.90
C ALA D 83 -49.41 -20.81 3.27
N ASN D 84 -49.10 -21.56 4.32
CA ASN D 84 -49.50 -21.18 5.67
C ASN D 84 -48.36 -20.64 6.50
N CYS D 85 -47.15 -21.24 6.45
CA CYS D 85 -46.06 -20.84 7.32
C CYS D 85 -44.77 -20.46 6.60
N LYS D 86 -44.70 -20.58 5.27
CA LYS D 86 -43.56 -20.16 4.45
C LYS D 86 -42.30 -21.01 4.65
N LYS D 87 -42.39 -22.14 5.34
CA LYS D 87 -41.34 -23.14 5.26
C LYS D 87 -41.51 -23.96 3.98
N GLU D 88 -40.50 -24.77 3.67
CA GLU D 88 -40.54 -25.57 2.46
C GLU D 88 -41.70 -26.55 2.49
N ALA D 89 -42.43 -26.64 1.37
CA ALA D 89 -43.62 -27.47 1.27
C ALA D 89 -43.28 -28.80 0.61
N ILE D 90 -44.07 -29.83 0.95
CA ILE D 90 -43.84 -31.19 0.46
C ILE D 90 -45.06 -31.76 -0.25
N PHE D 91 -46.23 -31.14 -0.13
CA PHE D 91 -47.33 -31.60 -0.97
C PHE D 91 -48.20 -30.41 -1.30
N TYR D 92 -49.14 -30.60 -2.22
CA TYR D 92 -49.92 -29.45 -2.65
C TYR D 92 -51.41 -29.77 -2.67
N CYS D 93 -52.19 -28.72 -2.49
CA CYS D 93 -53.64 -28.77 -2.53
C CYS D 93 -54.20 -28.42 -3.89
N CYS D 94 -53.72 -27.32 -4.47
CA CYS D 94 -54.11 -26.87 -5.80
C CYS D 94 -53.07 -25.84 -6.24
N TRP D 95 -53.33 -25.19 -7.37
CA TRP D 95 -52.37 -24.26 -7.96
C TRP D 95 -51.87 -23.29 -6.94
N ASN D 96 -50.54 -23.24 -6.81
CA ASN D 96 -49.86 -22.27 -5.96
C ASN D 96 -50.32 -22.36 -4.51
N THR D 97 -50.73 -23.54 -4.07
CA THR D 97 -51.09 -23.72 -2.67
C THR D 97 -50.51 -25.05 -2.21
N SER D 98 -49.38 -24.98 -1.53
CA SER D 98 -48.72 -26.17 -1.03
C SER D 98 -48.52 -26.03 0.46
N TYR D 99 -48.20 -27.15 1.10
CA TYR D 99 -48.02 -27.18 2.53
C TYR D 99 -46.85 -28.08 2.92
N CYS D 100 -46.28 -27.74 4.06
CA CYS D 100 -45.18 -28.47 4.67
C CYS D 100 -45.70 -29.67 5.46
N ASP D 101 -46.91 -29.58 5.99
CA ASP D 101 -47.47 -30.66 6.79
C ASP D 101 -48.98 -30.59 6.71
N TYR D 102 -49.63 -31.61 7.26
CA TYR D 102 -51.08 -31.54 7.30
C TYR D 102 -51.60 -30.51 8.30
N PRO D 103 -51.02 -30.34 9.49
CA PRO D 103 -51.55 -29.31 10.40
C PRO D 103 -51.57 -27.91 9.79
N CYS D 104 -50.58 -27.58 8.96
CA CYS D 104 -50.64 -26.30 8.28
C CYS D 104 -51.79 -26.26 7.29
N GLN D 105 -51.98 -27.33 6.50
CA GLN D 105 -53.08 -27.38 5.53
C GLN D 105 -54.41 -27.15 6.23
N GLN D 106 -54.62 -27.87 7.32
CA GLN D 106 -55.83 -27.77 8.11
C GLN D 106 -56.02 -26.36 8.63
N ALA D 107 -54.97 -25.79 9.24
CA ALA D 107 -55.09 -24.45 9.80
C ALA D 107 -55.42 -23.42 8.72
N HIS D 108 -54.90 -23.61 7.51
CA HIS D 108 -55.07 -22.66 6.43
C HIS D 108 -56.37 -22.83 5.68
N TRP D 109 -57.04 -23.97 5.83
CA TRP D 109 -58.26 -24.22 5.04
C TRP D 109 -59.32 -23.13 5.18
N PRO D 110 -59.63 -22.57 6.37
CA PRO D 110 -60.68 -21.54 6.42
C PRO D 110 -60.42 -20.36 5.51
N GLU D 111 -59.15 -19.97 5.34
CA GLU D 111 -58.87 -18.89 4.40
C GLU D 111 -58.75 -19.42 2.97
N HIS D 112 -58.17 -20.60 2.78
CA HIS D 112 -57.92 -21.08 1.42
C HIS D 112 -59.19 -21.55 0.71
N MET D 113 -60.22 -21.95 1.46
CA MET D 113 -61.43 -22.55 0.88
C MET D 113 -62.03 -21.68 -0.23
N LYS D 114 -62.02 -20.36 -0.05
CA LYS D 114 -62.65 -19.46 -1.01
C LYS D 114 -62.01 -19.60 -2.39
N SER D 115 -60.78 -20.07 -2.46
CA SER D 115 -60.01 -20.16 -3.70
C SER D 115 -59.36 -21.54 -3.70
N CYS D 116 -59.98 -22.52 -4.33
CA CYS D 116 -59.37 -23.84 -4.25
C CYS D 116 -59.85 -24.72 -5.40
N THR D 117 -59.10 -25.79 -5.64
CA THR D 117 -59.42 -26.80 -6.65
C THR D 117 -59.08 -28.18 -6.10
N GLN D 118 -59.72 -29.21 -6.65
CA GLN D 118 -59.39 -30.59 -6.27
C GLN D 118 -60.16 -31.59 -7.13
N GLY E 8 -8.96 -61.13 -7.89
CA GLY E 8 -9.48 -60.59 -9.14
C GLY E 8 -8.95 -59.21 -9.56
N SER E 9 -9.85 -58.27 -9.87
CA SER E 9 -9.43 -56.91 -10.23
C SER E 9 -9.00 -56.13 -9.00
N THR E 10 -9.23 -56.71 -7.83
CA THR E 10 -8.77 -56.14 -6.59
C THR E 10 -7.25 -56.06 -6.58
N ILE E 11 -6.58 -57.13 -7.02
CA ILE E 11 -5.12 -57.14 -7.03
C ILE E 11 -4.58 -56.16 -8.05
N ALA E 12 -5.25 -56.03 -9.20
CA ALA E 12 -4.78 -55.03 -10.16
C ALA E 12 -4.89 -53.63 -9.59
N GLU E 13 -5.97 -53.35 -8.87
CA GLU E 13 -6.12 -52.00 -8.31
C GLU E 13 -5.09 -51.73 -7.23
N ILE E 14 -4.80 -52.73 -6.41
CA ILE E 14 -3.79 -52.54 -5.39
C ILE E 14 -2.42 -52.32 -6.01
N ARG E 15 -2.09 -53.12 -7.04
CA ARG E 15 -0.81 -52.93 -7.73
C ARG E 15 -0.71 -51.52 -8.32
N ARG E 16 -1.79 -51.04 -8.96
CA ARG E 16 -1.76 -49.70 -9.52
C ARG E 16 -1.47 -48.68 -8.44
N LEU E 17 -2.19 -48.78 -7.32
CA LEU E 17 -2.01 -47.81 -6.25
C LEU E 17 -0.58 -47.83 -5.74
N ARG E 18 -0.02 -49.03 -5.56
CA ARG E 18 1.36 -49.16 -5.12
C ARG E 18 2.33 -48.51 -6.10
N ILE E 19 2.13 -48.74 -7.39
CA ILE E 19 3.03 -48.14 -8.37
C ILE E 19 2.99 -46.62 -8.27
N GLU E 20 1.79 -46.04 -8.08
CA GLU E 20 1.72 -44.59 -7.89
C GLU E 20 2.52 -44.16 -6.66
N ILE E 21 2.43 -44.95 -5.57
CA ILE E 21 3.22 -44.63 -4.38
C ILE E 21 4.70 -44.64 -4.71
N GLU E 22 5.15 -45.65 -5.45
CA GLU E 22 6.56 -45.75 -5.79
C GLU E 22 7.02 -44.54 -6.59
N LYS E 23 6.21 -44.09 -7.55
CA LYS E 23 6.58 -42.91 -8.31
C LYS E 23 6.62 -41.67 -7.42
N LEU E 24 5.71 -41.58 -6.45
CA LEU E 24 5.74 -40.47 -5.50
C LEU E 24 7.05 -40.44 -4.73
N GLN E 25 7.60 -41.60 -4.39
CA GLN E 25 8.85 -41.63 -3.64
C GLN E 25 10.00 -40.89 -4.35
N TRP E 26 10.10 -41.04 -5.67
CA TRP E 26 11.28 -40.52 -6.37
C TRP E 26 11.36 -38.98 -6.38
N LEU E 27 10.23 -38.28 -6.51
CA LEU E 27 10.30 -36.81 -6.53
C LEU E 27 10.68 -36.25 -5.17
N HIS E 28 10.14 -36.84 -4.09
CA HIS E 28 10.54 -36.45 -2.74
C HIS E 28 12.00 -36.82 -2.49
N GLN E 29 12.51 -37.87 -3.12
CA GLN E 29 13.93 -38.17 -2.96
C GLN E 29 14.78 -37.09 -3.63
N GLN E 30 14.39 -36.66 -4.84
CA GLN E 30 15.13 -35.60 -5.52
C GLN E 30 15.06 -34.27 -4.77
N GLU E 31 13.89 -33.93 -4.22
CA GLU E 31 13.72 -32.68 -3.48
C GLU E 31 14.60 -32.65 -2.22
N LEU E 32 14.75 -33.79 -1.54
CA LEU E 32 15.47 -33.90 -0.28
C LEU E 32 16.92 -33.39 -0.36
N SER E 33 17.53 -33.40 -1.55
CA SER E 33 18.93 -33.01 -1.66
C SER E 33 19.26 -31.94 -2.71
N GLU E 34 18.35 -31.59 -3.62
CA GLU E 34 18.60 -30.57 -4.64
C GLU E 34 18.66 -29.15 -4.08
N MET E 35 18.29 -28.94 -2.81
CA MET E 35 18.25 -27.60 -2.22
C MET E 35 19.63 -26.96 -2.01
N LYS E 36 20.58 -27.68 -1.42
CA LYS E 36 21.76 -27.02 -0.85
C LYS E 36 22.67 -26.38 -1.89
N HIS E 37 22.98 -27.10 -2.97
CA HIS E 37 23.96 -26.60 -3.93
C HIS E 37 23.53 -25.31 -4.60
N ASN E 38 22.25 -25.20 -4.97
CA ASN E 38 21.78 -24.00 -5.67
C ASN E 38 21.34 -22.86 -4.75
N LEU E 39 20.58 -23.16 -3.70
CA LEU E 39 20.16 -22.09 -2.77
C LEU E 39 21.35 -21.55 -1.99
N GLU E 40 22.34 -22.37 -1.67
CA GLU E 40 23.55 -21.85 -1.05
C GLU E 40 24.17 -20.79 -1.97
N LEU E 41 24.11 -21.03 -3.28
CA LEU E 41 24.61 -20.06 -4.25
C LEU E 41 23.76 -18.78 -4.22
N THR E 42 22.43 -18.92 -4.07
CA THR E 42 21.58 -17.74 -3.98
C THR E 42 21.88 -16.92 -2.72
N MET E 43 22.16 -17.62 -1.60
CA MET E 43 22.57 -16.93 -0.38
C MET E 43 23.87 -16.17 -0.61
N ALA E 44 24.81 -16.79 -1.35
CA ALA E 44 26.04 -16.09 -1.70
C ALA E 44 25.73 -14.85 -2.54
N GLU E 45 24.71 -14.92 -3.40
CA GLU E 45 24.32 -13.74 -4.16
C GLU E 45 23.84 -12.64 -3.22
N MET E 46 23.12 -13.01 -2.15
CA MET E 46 22.71 -12.01 -1.17
C MET E 46 23.91 -11.40 -0.43
N ARG E 47 24.87 -12.24 -0.02
CA ARG E 47 26.07 -11.73 0.64
C ARG E 47 26.85 -10.78 -0.27
N GLN E 48 26.96 -11.13 -1.56
CA GLN E 48 27.65 -10.25 -2.50
C GLN E 48 26.91 -8.93 -2.67
N SER E 49 25.56 -8.98 -2.73
CA SER E 49 24.81 -7.73 -2.91
C SER E 49 24.92 -6.82 -1.69
N LEU E 50 24.89 -7.39 -0.48
CA LEU E 50 25.06 -6.55 0.72
C LEU E 50 26.47 -5.99 0.86
N GLU E 51 27.52 -6.78 0.56
CA GLU E 51 28.88 -6.23 0.66
C GLU E 51 29.07 -5.11 -0.35
N GLN E 52 28.59 -5.32 -1.58
CA GLN E 52 28.64 -4.27 -2.60
C GLN E 52 27.81 -3.05 -2.16
N GLU E 53 26.65 -3.30 -1.53
CA GLU E 53 25.73 -2.25 -1.10
C GLU E 53 26.32 -1.38 0.01
N ARG E 54 26.96 -2.00 1.01
CA ARG E 54 27.62 -1.21 2.04
C ARG E 54 28.77 -0.41 1.44
N ASP E 55 29.55 -1.02 0.55
CA ASP E 55 30.65 -0.25 -0.07
C ASP E 55 30.10 0.97 -0.81
N ARG E 56 28.96 0.81 -1.47
CA ARG E 56 28.37 1.95 -2.18
C ARG E 56 27.90 3.04 -1.22
N LEU E 57 27.18 2.68 -0.15
CA LEU E 57 26.69 3.69 0.78
C LEU E 57 27.83 4.43 1.47
N ILE E 58 28.85 3.69 1.93
CA ILE E 58 30.00 4.36 2.56
C ILE E 58 30.70 5.27 1.56
N ALA E 59 30.92 4.80 0.34
CA ALA E 59 31.61 5.62 -0.65
C ALA E 59 30.88 6.94 -0.87
N GLU E 60 29.55 6.89 -0.99
CA GLU E 60 28.78 8.10 -1.20
C GLU E 60 28.79 9.00 0.04
N VAL E 61 28.70 8.42 1.24
CA VAL E 61 28.72 9.25 2.44
C VAL E 61 30.06 9.96 2.59
N LYS E 62 31.17 9.26 2.31
CA LYS E 62 32.48 9.88 2.38
C LYS E 62 32.66 10.96 1.32
N LYS E 63 32.20 10.69 0.10
CA LYS E 63 32.30 11.71 -0.95
C LYS E 63 31.48 12.93 -0.58
N GLN E 64 30.28 12.71 -0.03
CA GLN E 64 29.38 13.82 0.28
C GLN E 64 29.91 14.64 1.46
N LEU E 65 30.46 13.98 2.48
CA LEU E 65 30.96 14.73 3.61
C LEU E 65 32.30 15.39 3.31
N GLU E 66 33.14 14.82 2.45
CA GLU E 66 34.32 15.56 2.02
C GLU E 66 33.96 16.77 1.19
N LEU E 67 32.87 16.68 0.42
CA LEU E 67 32.43 17.87 -0.30
C LEU E 67 31.87 18.91 0.68
N GLU E 68 31.06 18.48 1.65
CA GLU E 68 30.52 19.43 2.64
C GLU E 68 31.64 20.08 3.44
N LYS E 69 32.65 19.30 3.82
CA LYS E 69 33.78 19.86 4.55
C LYS E 69 34.49 20.91 3.72
N GLN E 70 34.73 20.61 2.44
CA GLN E 70 35.40 21.59 1.61
C GLN E 70 34.58 22.88 1.50
N GLN E 71 33.25 22.75 1.37
CA GLN E 71 32.41 23.95 1.32
C GLN E 71 32.52 24.75 2.61
N ALA E 72 32.50 24.07 3.77
CA ALA E 72 32.61 24.78 5.04
C ALA E 72 33.95 25.50 5.17
N VAL E 73 35.03 24.80 4.82
CA VAL E 73 36.36 25.41 4.86
C VAL E 73 36.40 26.66 3.98
N ASP E 74 35.91 26.56 2.74
CA ASP E 74 35.94 27.72 1.86
C ASP E 74 35.09 28.86 2.40
N GLU E 75 33.92 28.56 2.99
CA GLU E 75 33.12 29.62 3.58
C GLU E 75 33.83 30.28 4.76
N THR E 76 34.50 29.51 5.62
CA THR E 76 35.20 30.15 6.74
C THR E 76 36.41 30.98 6.28
N LYS E 77 37.06 30.60 5.16
CA LYS E 77 38.19 31.39 4.69
C LYS E 77 37.76 32.81 4.30
N LYS E 78 36.49 33.00 3.94
CA LYS E 78 35.99 34.30 3.47
C LYS E 78 35.70 35.29 4.59
N LYS E 79 35.81 34.90 5.85
CA LYS E 79 35.45 35.77 6.97
C LYS E 79 36.61 35.90 7.96
N GLN E 80 36.47 36.88 8.86
CA GLN E 80 37.39 37.08 9.97
C GLN E 80 36.80 36.48 11.24
N TRP E 81 37.66 35.95 12.10
CA TRP E 81 37.18 35.27 13.28
C TRP E 81 37.79 35.87 14.53
N CYS E 82 36.98 36.00 15.55
CA CYS E 82 37.45 36.60 16.79
C CYS E 82 38.61 35.81 17.38
N ALA E 83 39.70 36.50 17.68
CA ALA E 83 40.85 35.81 18.23
C ALA E 83 40.62 35.29 19.64
N ASN E 84 39.54 35.68 20.30
CA ASN E 84 39.29 35.27 21.68
C ASN E 84 38.21 34.20 21.78
N CYS E 85 37.11 34.30 21.01
CA CYS E 85 36.00 33.36 21.12
C CYS E 85 35.63 32.64 19.81
N LYS E 86 36.29 32.94 18.70
CA LYS E 86 36.06 32.26 17.42
C LYS E 86 34.68 32.52 16.80
N LYS E 87 33.88 33.44 17.33
CA LYS E 87 32.74 33.91 16.57
C LYS E 87 33.21 34.90 15.49
N GLU E 88 32.32 35.22 14.56
CA GLU E 88 32.71 36.13 13.50
C GLU E 88 33.07 37.50 14.09
N ALA E 89 34.16 38.09 13.59
CA ALA E 89 34.71 39.34 14.11
C ALA E 89 34.27 40.55 13.31
N ILE E 90 34.26 41.71 13.96
CA ILE E 90 33.82 42.94 13.32
C ILE E 90 34.86 44.03 13.33
N PHE E 91 35.94 43.88 14.09
CA PHE E 91 37.02 44.85 13.93
C PHE E 91 38.34 44.15 14.17
N TYR E 92 39.45 44.86 13.94
CA TYR E 92 40.73 44.20 14.14
C TYR E 92 41.70 45.11 14.88
N CYS E 93 42.67 44.48 15.52
CA CYS E 93 43.73 45.18 16.24
C CYS E 93 44.96 45.31 15.38
N CYS E 94 45.36 44.20 14.79
CA CYS E 94 46.54 44.15 13.97
C CYS E 94 46.44 42.87 13.17
N TRP E 95 47.50 42.54 12.44
CA TRP E 95 47.49 41.42 11.52
C TRP E 95 47.01 40.15 12.19
N ASN E 96 45.98 39.54 11.60
CA ASN E 96 45.45 38.25 12.03
C ASN E 96 45.03 38.29 13.48
N THR E 97 44.56 39.43 13.93
CA THR E 97 43.99 39.55 15.26
C THR E 97 42.75 40.41 15.12
N SER E 98 41.60 39.77 15.05
CA SER E 98 40.36 40.52 14.95
C SER E 98 39.48 40.09 16.12
N TYR E 99 38.47 40.89 16.43
CA TYR E 99 37.60 40.60 17.55
C TYR E 99 36.15 40.88 17.18
N CYS E 100 35.28 40.18 17.93
CA CYS E 100 33.84 40.28 17.77
C CYS E 100 33.25 41.48 18.53
N ASP E 101 33.86 41.87 19.63
CA ASP E 101 33.38 42.97 20.44
C ASP E 101 34.55 43.46 21.29
N TYR E 102 34.31 44.50 22.07
CA TYR E 102 35.36 45.06 22.91
C TYR E 102 35.71 44.14 24.09
N PRO E 103 34.73 43.48 24.73
CA PRO E 103 35.12 42.59 25.83
C PRO E 103 36.05 41.48 25.40
N CYS E 104 35.91 40.94 24.17
CA CYS E 104 36.86 39.92 23.72
C CYS E 104 38.27 40.51 23.53
N GLN E 105 38.36 41.71 22.95
CA GLN E 105 39.64 42.39 22.83
C GLN E 105 40.28 42.57 24.20
N GLN E 106 39.49 43.06 25.16
CA GLN E 106 39.98 43.30 26.51
C GLN E 106 40.49 42.02 27.15
N ALA E 107 39.64 40.99 27.16
CA ALA E 107 39.98 39.71 27.80
C ALA E 107 41.20 39.11 27.14
N HIS E 108 41.36 39.34 25.83
CA HIS E 108 42.45 38.73 25.10
C HIS E 108 43.76 39.51 25.20
N TRP E 109 43.72 40.76 25.62
CA TRP E 109 44.95 41.55 25.60
C TRP E 109 46.12 40.91 26.35
N PRO E 110 45.97 40.37 27.57
CA PRO E 110 47.15 39.79 28.24
C PRO E 110 47.84 38.72 27.43
N GLU E 111 47.11 37.96 26.63
CA GLU E 111 47.79 37.02 25.74
C GLU E 111 48.30 37.72 24.47
N HIS E 112 47.53 38.68 23.92
CA HIS E 112 47.89 39.23 22.61
C HIS E 112 49.06 40.21 22.65
N MET E 113 49.25 40.87 23.81
CA MET E 113 50.20 41.98 23.91
C MET E 113 51.58 41.59 23.38
N LYS E 114 52.06 40.40 23.76
CA LYS E 114 53.41 40.00 23.39
C LYS E 114 53.62 39.95 21.88
N SER E 115 52.56 39.83 21.08
CA SER E 115 52.71 39.66 19.63
C SER E 115 51.77 40.57 18.87
N CYS E 116 51.68 41.84 19.26
CA CYS E 116 50.77 42.82 18.68
C CYS E 116 51.59 43.83 17.88
N THR E 117 50.94 44.47 16.92
CA THR E 117 51.58 45.48 16.09
C THR E 117 50.67 46.69 15.94
N GLN E 118 51.28 47.84 15.63
CA GLN E 118 50.58 49.12 15.44
C GLN E 118 50.19 49.71 16.80
N GLY F 8 32.32 53.31 18.90
CA GLY F 8 33.55 53.84 18.32
C GLY F 8 33.57 53.85 16.80
N SER F 9 33.84 52.68 16.22
CA SER F 9 33.88 52.54 14.77
C SER F 9 32.47 52.37 14.20
N THR F 10 32.11 53.24 13.26
CA THR F 10 30.80 53.09 12.62
C THR F 10 30.75 51.85 11.74
N ILE F 11 31.82 51.59 10.98
CA ILE F 11 31.79 50.46 10.07
C ILE F 11 31.74 49.15 10.85
N ALA F 12 32.37 49.09 12.03
CA ALA F 12 32.28 47.88 12.84
C ALA F 12 30.84 47.62 13.26
N GLU F 13 30.11 48.69 13.60
CA GLU F 13 28.72 48.50 13.97
C GLU F 13 27.91 48.02 12.78
N ILE F 14 28.24 48.51 11.59
CA ILE F 14 27.57 48.04 10.38
C ILE F 14 27.86 46.57 10.15
N ARG F 15 29.11 46.17 10.34
CA ARG F 15 29.47 44.77 10.18
C ARG F 15 28.67 43.90 11.14
N ARG F 16 28.38 44.43 12.33
CA ARG F 16 27.67 43.62 13.31
C ARG F 16 26.21 43.50 12.94
N LEU F 17 25.61 44.61 12.52
CA LEU F 17 24.30 44.56 11.89
C LEU F 17 24.23 43.53 10.77
N ARG F 18 25.23 43.51 9.88
CA ARG F 18 25.21 42.56 8.78
C ARG F 18 25.21 41.12 9.31
N ILE F 19 26.03 40.85 10.33
CA ILE F 19 26.02 39.51 10.90
C ILE F 19 24.63 39.15 11.43
N GLU F 20 23.99 40.06 12.15
CA GLU F 20 22.66 39.74 12.68
C GLU F 20 21.62 39.54 11.57
N ILE F 21 21.65 40.39 10.54
CA ILE F 21 20.73 40.21 9.42
C ILE F 21 20.93 38.86 8.78
N GLU F 22 22.19 38.45 8.59
CA GLU F 22 22.47 37.15 7.98
C GLU F 22 21.95 36.01 8.86
N LYS F 23 22.11 36.13 10.18
CA LYS F 23 21.59 35.10 11.08
C LYS F 23 20.07 35.02 10.98
N LEU F 24 19.39 36.17 10.87
CA LEU F 24 17.93 36.15 10.70
C LEU F 24 17.55 35.48 9.40
N GLN F 25 18.25 35.77 8.30
CA GLN F 25 17.93 35.10 7.04
C GLN F 25 18.09 33.60 7.18
N TRP F 26 19.14 33.17 7.88
CA TRP F 26 19.36 31.74 8.01
C TRP F 26 18.26 31.10 8.82
N LEU F 27 17.75 31.78 9.86
CA LEU F 27 16.64 31.20 10.60
C LEU F 27 15.39 31.13 9.75
N HIS F 28 14.98 32.27 9.16
CA HIS F 28 13.92 32.24 8.15
C HIS F 28 13.99 31.04 7.23
N GLN F 29 15.19 30.75 6.71
CA GLN F 29 15.36 29.64 5.78
C GLN F 29 15.10 28.30 6.46
N GLN F 30 15.59 28.14 7.70
CA GLN F 30 15.30 26.92 8.44
C GLN F 30 13.80 26.76 8.69
N GLU F 31 13.13 27.86 9.02
CA GLU F 31 11.69 27.80 9.26
C GLU F 31 10.96 27.36 8.00
N LEU F 32 11.32 27.94 6.85
CA LEU F 32 10.65 27.56 5.61
C LEU F 32 10.90 26.09 5.29
N SER F 33 12.09 25.57 5.61
CA SER F 33 12.34 24.22 5.15
C SER F 33 11.81 23.19 6.14
N GLU F 34 11.58 23.57 7.40
CA GLU F 34 10.87 22.61 8.24
C GLU F 34 9.37 22.64 7.95
N MET F 35 8.86 23.76 7.42
CA MET F 35 7.48 23.74 6.92
C MET F 35 7.39 22.82 5.72
N LYS F 36 8.39 22.86 4.84
CA LYS F 36 8.41 21.96 3.69
C LYS F 36 8.49 20.51 4.17
N HIS F 37 9.26 20.26 5.22
CA HIS F 37 9.33 18.91 5.76
C HIS F 37 7.96 18.46 6.30
N ASN F 38 7.24 19.36 6.96
CA ASN F 38 5.91 19.00 7.46
C ASN F 38 4.96 18.69 6.32
N LEU F 39 5.05 19.45 5.24
CA LEU F 39 4.19 19.17 4.09
C LEU F 39 4.53 17.83 3.47
N GLU F 40 5.83 17.50 3.37
CA GLU F 40 6.23 16.20 2.86
C GLU F 40 5.71 15.07 3.75
N LEU F 41 5.73 15.27 5.07
CA LEU F 41 5.28 14.23 5.98
C LEU F 41 3.79 13.99 5.87
N THR F 42 2.99 15.06 5.78
CA THR F 42 1.55 14.85 5.61
C THR F 42 1.25 14.23 4.26
N MET F 43 1.99 14.63 3.22
CA MET F 43 1.79 13.99 1.92
C MET F 43 2.10 12.50 1.99
N ALA F 44 3.17 12.13 2.70
CA ALA F 44 3.50 10.71 2.86
C ALA F 44 2.42 9.98 3.65
N GLU F 45 1.87 10.63 4.69
CA GLU F 45 0.81 9.99 5.47
C GLU F 45 -0.44 9.78 4.62
N MET F 46 -0.76 10.74 3.77
CA MET F 46 -1.90 10.59 2.88
C MET F 46 -1.68 9.45 1.90
N ARG F 47 -0.48 9.35 1.33
CA ARG F 47 -0.22 8.23 0.43
C ARG F 47 -0.35 6.90 1.16
N GLN F 48 0.15 6.82 2.40
CA GLN F 48 0.08 5.56 3.12
C GLN F 48 -1.36 5.16 3.42
N SER F 49 -2.18 6.13 3.85
CA SER F 49 -3.56 5.80 4.17
C SER F 49 -4.34 5.40 2.92
N LEU F 50 -4.09 6.07 1.78
CA LEU F 50 -4.76 5.70 0.55
C LEU F 50 -4.33 4.31 0.08
N GLU F 51 -3.05 3.96 0.28
CA GLU F 51 -2.60 2.61 -0.04
C GLU F 51 -3.30 1.59 0.84
N GLN F 52 -3.47 1.90 2.14
CA GLN F 52 -4.18 0.97 3.01
C GLN F 52 -5.62 0.78 2.55
N GLU F 53 -6.27 1.86 2.14
CA GLU F 53 -7.65 1.73 1.71
C GLU F 53 -7.73 0.89 0.43
N ARG F 54 -6.74 1.05 -0.45
CA ARG F 54 -6.66 0.22 -1.64
C ARG F 54 -6.50 -1.25 -1.27
N ASP F 55 -5.66 -1.55 -0.28
CA ASP F 55 -5.51 -2.93 0.16
C ASP F 55 -6.83 -3.49 0.65
N ARG F 56 -7.63 -2.67 1.35
CA ARG F 56 -8.95 -3.15 1.79
C ARG F 56 -9.85 -3.47 0.60
N LEU F 57 -9.86 -2.61 -0.41
CA LEU F 57 -10.64 -2.87 -1.61
C LEU F 57 -10.18 -4.13 -2.35
N ILE F 58 -8.86 -4.32 -2.47
CA ILE F 58 -8.33 -5.53 -3.08
C ILE F 58 -8.85 -6.76 -2.34
N ALA F 59 -8.79 -6.71 -1.01
CA ALA F 59 -9.25 -7.85 -0.22
C ALA F 59 -10.70 -8.16 -0.52
N GLU F 60 -11.54 -7.13 -0.66
CA GLU F 60 -12.95 -7.39 -0.95
C GLU F 60 -13.12 -8.02 -2.34
N VAL F 61 -12.37 -7.53 -3.33
CA VAL F 61 -12.47 -8.11 -4.67
C VAL F 61 -12.03 -9.58 -4.65
N LYS F 62 -10.98 -9.89 -3.88
CA LYS F 62 -10.60 -11.29 -3.73
C LYS F 62 -11.70 -12.11 -3.09
N LYS F 63 -12.37 -11.56 -2.09
CA LYS F 63 -13.43 -12.31 -1.42
C LYS F 63 -14.49 -12.71 -2.43
N GLN F 64 -14.86 -11.77 -3.32
CA GLN F 64 -15.88 -12.11 -4.33
C GLN F 64 -15.35 -13.13 -5.32
N LEU F 65 -14.07 -13.02 -5.71
CA LEU F 65 -13.53 -13.93 -6.72
C LEU F 65 -13.33 -15.34 -6.18
N GLU F 66 -13.00 -15.47 -4.90
CA GLU F 66 -12.94 -16.79 -4.30
C GLU F 66 -14.33 -17.39 -4.22
N LEU F 67 -15.36 -16.56 -4.01
CA LEU F 67 -16.70 -17.09 -4.02
C LEU F 67 -17.10 -17.58 -5.42
N GLU F 68 -16.74 -16.84 -6.47
CA GLU F 68 -16.99 -17.29 -7.85
C GLU F 68 -16.28 -18.59 -8.15
N LYS F 69 -15.04 -18.75 -7.66
CA LYS F 69 -14.34 -20.02 -7.85
C LYS F 69 -15.11 -21.15 -7.22
N GLN F 70 -15.57 -20.96 -5.97
CA GLN F 70 -16.33 -22.03 -5.34
C GLN F 70 -17.59 -22.37 -6.13
N GLN F 71 -18.30 -21.36 -6.64
CA GLN F 71 -19.49 -21.65 -7.44
C GLN F 71 -19.11 -22.43 -8.70
N ALA F 72 -18.00 -22.09 -9.34
CA ALA F 72 -17.62 -22.85 -10.51
C ALA F 72 -17.34 -24.31 -10.15
N VAL F 73 -16.61 -24.54 -9.06
CA VAL F 73 -16.31 -25.91 -8.68
C VAL F 73 -17.61 -26.68 -8.48
N ASP F 74 -18.55 -26.10 -7.72
CA ASP F 74 -19.80 -26.77 -7.42
C ASP F 74 -20.61 -27.06 -8.67
N GLU F 75 -20.69 -26.09 -9.59
CA GLU F 75 -21.36 -26.33 -10.85
C GLU F 75 -20.73 -27.49 -11.61
N THR F 76 -19.39 -27.57 -11.59
CA THR F 76 -18.66 -28.64 -12.27
C THR F 76 -18.95 -30.02 -11.68
N LYS F 77 -19.19 -30.10 -10.37
CA LYS F 77 -19.45 -31.39 -9.77
C LYS F 77 -20.74 -32.04 -10.27
N LYS F 78 -21.69 -31.24 -10.78
CA LYS F 78 -23.01 -31.73 -11.16
C LYS F 78 -23.05 -32.46 -12.50
N LYS F 79 -21.97 -32.43 -13.29
CA LYS F 79 -21.97 -33.02 -14.61
C LYS F 79 -20.84 -34.04 -14.76
N GLN F 80 -20.91 -34.82 -15.82
CA GLN F 80 -19.84 -35.75 -16.19
C GLN F 80 -18.99 -35.12 -17.29
N TRP F 81 -17.68 -35.39 -17.25
CA TRP F 81 -16.75 -34.72 -18.17
C TRP F 81 -15.93 -35.73 -18.95
N CYS F 82 -15.73 -35.45 -20.23
CA CYS F 82 -15.03 -36.39 -21.11
C CYS F 82 -13.61 -36.62 -20.64
N ALA F 83 -13.26 -37.89 -20.49
CA ALA F 83 -11.95 -38.25 -19.97
C ALA F 83 -10.84 -37.91 -20.93
N ASN F 84 -11.18 -37.56 -22.15
CA ASN F 84 -10.24 -37.28 -23.22
C ASN F 84 -10.15 -35.82 -23.60
N CYS F 85 -11.26 -35.10 -23.66
CA CYS F 85 -11.24 -33.73 -24.16
C CYS F 85 -11.76 -32.71 -23.17
N LYS F 86 -12.24 -33.14 -22.01
CA LYS F 86 -12.70 -32.29 -20.91
C LYS F 86 -13.95 -31.48 -21.24
N LYS F 87 -14.59 -31.70 -22.39
CA LYS F 87 -15.95 -31.20 -22.59
C LYS F 87 -16.94 -32.09 -21.85
N GLU F 88 -18.19 -31.62 -21.80
CA GLU F 88 -19.24 -32.39 -21.13
C GLU F 88 -19.46 -33.72 -21.86
N ALA F 89 -19.53 -34.78 -21.09
CA ALA F 89 -19.66 -36.15 -21.59
C ALA F 89 -21.13 -36.57 -21.59
N ILE F 90 -21.43 -37.57 -22.43
CA ILE F 90 -22.82 -38.01 -22.58
C ILE F 90 -23.01 -39.52 -22.42
N PHE F 91 -21.93 -40.29 -22.37
CA PHE F 91 -22.08 -41.69 -21.98
C PHE F 91 -20.84 -42.14 -21.23
N TYR F 92 -20.87 -43.36 -20.69
CA TYR F 92 -19.72 -43.82 -19.92
C TYR F 92 -19.34 -45.22 -20.31
N CYS F 93 -18.07 -45.54 -20.05
CA CYS F 93 -17.46 -46.85 -20.23
C CYS F 93 -17.38 -47.60 -18.91
N CYS F 94 -16.86 -46.96 -17.89
CA CYS F 94 -16.84 -47.55 -16.56
C CYS F 94 -16.58 -46.45 -15.55
N TRP F 95 -16.30 -46.83 -14.32
CA TRP F 95 -16.18 -45.87 -13.25
C TRP F 95 -15.29 -44.71 -13.64
N ASN F 96 -15.86 -43.50 -13.56
CA ASN F 96 -15.14 -42.25 -13.76
C ASN F 96 -14.50 -42.18 -15.14
N THR F 97 -15.11 -42.81 -16.12
CA THR F 97 -14.61 -42.71 -17.48
C THR F 97 -15.80 -42.55 -18.42
N SER F 98 -16.04 -41.31 -18.81
CA SER F 98 -17.13 -40.98 -19.69
C SER F 98 -16.58 -40.25 -20.91
N TYR F 99 -17.39 -40.18 -21.94
CA TYR F 99 -16.93 -39.56 -23.16
C TYR F 99 -18.09 -38.78 -23.76
N CYS F 100 -17.70 -37.77 -24.52
CA CYS F 100 -18.61 -36.92 -25.27
C CYS F 100 -19.01 -37.53 -26.61
N ASP F 101 -18.22 -38.43 -27.18
CA ASP F 101 -18.48 -38.99 -28.49
C ASP F 101 -17.61 -40.22 -28.67
N TYR F 102 -17.86 -40.95 -29.76
CA TYR F 102 -17.07 -42.16 -29.98
C TYR F 102 -15.60 -41.86 -30.29
N PRO F 103 -15.27 -40.84 -31.09
CA PRO F 103 -13.85 -40.58 -31.35
C PRO F 103 -13.02 -40.33 -30.10
N CYS F 104 -13.59 -39.66 -29.09
CA CYS F 104 -12.83 -39.48 -27.85
C CYS F 104 -12.58 -40.82 -27.17
N GLN F 105 -13.59 -41.68 -27.13
CA GLN F 105 -13.40 -42.99 -26.54
C GLN F 105 -12.29 -43.78 -27.24
N GLN F 106 -12.33 -43.82 -28.58
CA GLN F 106 -11.26 -44.51 -29.31
C GLN F 106 -9.92 -43.88 -29.02
N ALA F 107 -9.85 -42.54 -29.07
CA ALA F 107 -8.58 -41.84 -28.89
C ALA F 107 -7.98 -42.17 -27.55
N HIS F 108 -8.82 -42.28 -26.55
CA HIS F 108 -8.42 -42.48 -25.16
C HIS F 108 -8.18 -43.93 -24.82
N TRP F 109 -8.65 -44.86 -25.67
CA TRP F 109 -8.56 -46.28 -25.32
C TRP F 109 -7.15 -46.75 -25.01
N PRO F 110 -6.09 -46.36 -25.73
CA PRO F 110 -4.76 -46.84 -25.32
C PRO F 110 -4.39 -46.50 -23.89
N GLU F 111 -4.81 -45.35 -23.35
CA GLU F 111 -4.51 -45.14 -21.95
C GLU F 111 -5.53 -45.82 -21.03
N HIS F 112 -6.82 -45.74 -21.37
CA HIS F 112 -7.86 -46.20 -20.45
C HIS F 112 -7.85 -47.72 -20.35
N MET F 113 -7.40 -48.40 -21.39
CA MET F 113 -7.36 -49.85 -21.47
C MET F 113 -6.68 -50.45 -20.25
N LYS F 114 -5.66 -49.77 -19.73
CA LYS F 114 -4.90 -50.28 -18.59
C LYS F 114 -5.75 -50.41 -17.33
N SER F 115 -6.87 -49.68 -17.24
CA SER F 115 -7.64 -49.65 -16.01
C SER F 115 -9.15 -49.80 -16.22
N CYS F 116 -9.60 -50.16 -17.42
CA CYS F 116 -11.02 -50.23 -17.75
C CYS F 116 -11.74 -51.38 -17.03
N THR F 117 -13.07 -51.29 -16.99
CA THR F 117 -13.92 -52.29 -16.35
C THR F 117 -15.12 -52.64 -17.22
N GLN F 118 -15.65 -53.86 -17.02
CA GLN F 118 -16.84 -54.37 -17.71
C GLN F 118 -16.62 -54.48 -19.21
#